data_1KBJ
#
_entry.id   1KBJ
#
_cell.length_a   110.730
_cell.length_b   147.620
_cell.length_c   64.860
_cell.angle_alpha   90.00
_cell.angle_beta   90.00
_cell.angle_gamma   90.00
#
_symmetry.space_group_name_H-M   'P 21 21 2'
#
loop_
_entity.id
_entity.type
_entity.pdbx_description
1 polymer 'CYTOCHROME B2'
2 non-polymer 'FLAVIN MONONUCLEOTIDE'
3 non-polymer 1,2-ETHANEDIOL
4 water water
#
_entity_poly.entity_id   1
_entity_poly.type   'polypeptide(L)'
_entity_poly.pdbx_seq_one_letter_code
;GETKEDIARKEQLKSLLPPLDNIINLYDFEYLASQTLTKQAWAYYSSGANDEVTHRENHNAYHRIFFKPKILVDVRKVDI
STDMLGSHVDVPFYVSATALCKLGNPLEGEKDVARGCGQGVTKVPQMISTLASCSPEEIIEAAPSDKQIQWYQLYVNSDR
KITDDLVKNVEKLGVKALFVTVDAPSLGQREKDMKLKFSNTKAGPKAMKKTNVEESQGASRALSKFIDPSLTWKDIEELK
KKTKLPIVIKGVQRTEDVIKAAEIGVSGVVLSNHGGRQLDFSRAPIEVLAETMPILEQRNLKDKLEVFVDGGVRRGTDVL
KALCLGAKGVGLGRPFLYANSCYGRNGVEKAIEILRDEIEMSMRLLGVTSIAELKPDLLDLSTLKARTVGVPNDVLYNEV
YEGPTLTEFEDA
;
_entity_poly.pdbx_strand_id   A,B
#
# COMPACT_ATOMS: atom_id res chain seq x y z
N GLY A 1 -18.29 10.51 18.86
CA GLY A 1 -17.33 9.40 19.17
C GLY A 1 -18.06 8.11 19.48
N GLU A 2 -17.92 7.63 20.72
CA GLU A 2 -18.55 6.40 21.21
C GLU A 2 -19.98 6.71 21.69
N THR A 3 -20.98 6.18 20.99
CA THR A 3 -22.38 6.45 21.33
C THR A 3 -22.91 5.68 22.56
N LYS A 4 -24.17 5.95 22.93
CA LYS A 4 -24.77 5.28 24.08
C LYS A 4 -25.09 3.84 23.72
N GLU A 5 -25.60 3.63 22.52
CA GLU A 5 -25.91 2.27 22.08
C GLU A 5 -24.63 1.47 21.89
N ASP A 6 -23.55 2.16 21.52
CA ASP A 6 -22.23 1.55 21.36
C ASP A 6 -21.82 1.07 22.73
N ILE A 7 -21.77 2.03 23.66
CA ILE A 7 -21.40 1.74 25.03
C ILE A 7 -22.27 0.66 25.67
N ALA A 8 -23.57 0.78 25.52
CA ALA A 8 -24.47 -0.19 26.10
C ALA A 8 -24.21 -1.60 25.59
N ARG A 9 -24.05 -1.72 24.28
CA ARG A 9 -23.82 -3.01 23.66
C ARG A 9 -22.51 -3.65 24.10
N LYS A 10 -21.44 -2.88 24.01
CA LYS A 10 -20.13 -3.39 24.36
C LYS A 10 -20.03 -3.78 25.82
N GLU A 11 -20.63 -2.98 26.68
CA GLU A 11 -20.60 -3.30 28.11
C GLU A 11 -21.23 -4.67 28.33
N GLN A 12 -22.32 -4.93 27.63
CA GLN A 12 -23.02 -6.21 27.76
C GLN A 12 -22.19 -7.34 27.18
N LEU A 13 -21.52 -7.09 26.06
CA LEU A 13 -20.69 -8.14 25.48
C LEU A 13 -19.51 -8.46 26.42
N LYS A 14 -18.93 -7.44 27.05
CA LYS A 14 -17.81 -7.64 27.97
C LYS A 14 -18.17 -8.55 29.14
N SER A 15 -19.45 -8.59 29.50
CA SER A 15 -19.84 -9.45 30.61
C SER A 15 -20.09 -10.85 30.09
N LEU A 16 -20.16 -10.99 28.77
CA LEU A 16 -20.36 -12.29 28.18
C LEU A 16 -19.04 -12.83 27.63
N LEU A 17 -17.95 -12.15 27.93
CA LEU A 17 -16.63 -12.60 27.48
C LEU A 17 -16.51 -14.06 27.97
N PRO A 18 -16.05 -14.99 27.10
CA PRO A 18 -15.94 -16.37 27.56
C PRO A 18 -14.78 -16.57 28.55
N PRO A 19 -14.79 -17.68 29.31
CA PRO A 19 -13.69 -17.87 30.24
C PRO A 19 -12.33 -17.95 29.56
N LEU A 20 -11.40 -17.17 30.09
CA LEU A 20 -10.06 -17.12 29.56
C LEU A 20 -9.49 -18.44 29.08
N ASP A 21 -9.72 -19.57 29.75
CA ASP A 21 -9.11 -20.77 29.22
C ASP A 21 -9.92 -21.50 28.17
N ASN A 22 -10.88 -20.79 27.59
CA ASN A 22 -11.69 -21.35 26.52
C ASN A 22 -11.13 -20.72 25.22
N ILE A 23 -10.18 -19.79 25.40
CA ILE A 23 -9.50 -19.10 24.30
C ILE A 23 -8.49 -20.11 23.74
N ILE A 24 -8.68 -20.49 22.46
CA ILE A 24 -7.84 -21.48 21.82
C ILE A 24 -6.64 -20.94 21.06
N ASN A 25 -6.82 -19.82 20.37
CA ASN A 25 -5.72 -19.26 19.62
C ASN A 25 -5.78 -17.75 19.60
N LEU A 26 -4.68 -17.15 19.14
CA LEU A 26 -4.56 -15.72 19.10
C LEU A 26 -5.69 -15.01 18.39
N TYR A 27 -6.27 -15.61 17.35
CA TYR A 27 -7.39 -14.98 16.63
C TYR A 27 -8.64 -14.76 17.49
N ASP A 28 -8.81 -15.60 18.50
CA ASP A 28 -9.96 -15.49 19.41
C ASP A 28 -9.93 -14.14 20.17
N PHE A 29 -8.75 -13.74 20.64
CA PHE A 29 -8.64 -12.47 21.35
C PHE A 29 -8.96 -11.34 20.39
N GLU A 30 -8.59 -11.54 19.12
CA GLU A 30 -8.82 -10.51 18.12
C GLU A 30 -10.31 -10.35 17.85
N TYR A 31 -11.03 -11.47 17.80
CA TYR A 31 -12.45 -11.38 17.55
C TYR A 31 -13.19 -10.68 18.69
N LEU A 32 -12.88 -11.12 19.91
CA LEU A 32 -13.50 -10.55 21.08
C LEU A 32 -13.18 -9.07 21.18
N ALA A 33 -11.93 -8.75 20.90
CA ALA A 33 -11.52 -7.36 20.98
C ALA A 33 -12.27 -6.49 19.98
N SER A 34 -12.44 -7.01 18.77
CA SER A 34 -13.10 -6.30 17.69
C SER A 34 -14.55 -6.02 18.02
N GLN A 35 -15.10 -6.74 18.99
CA GLN A 35 -16.50 -6.55 19.37
C GLN A 35 -16.66 -5.73 20.64
N THR A 36 -15.60 -5.63 21.43
CA THR A 36 -15.70 -4.91 22.68
C THR A 36 -14.98 -3.59 22.78
N LEU A 37 -13.89 -3.41 22.04
CA LEU A 37 -13.17 -2.15 22.14
C LEU A 37 -13.97 -0.99 21.59
N THR A 38 -13.60 0.22 21.98
CA THR A 38 -14.27 1.41 21.52
C THR A 38 -13.90 1.56 20.06
N LYS A 39 -14.72 2.29 19.31
CA LYS A 39 -14.45 2.48 17.89
C LYS A 39 -13.02 3.00 17.72
N GLN A 40 -12.70 4.02 18.51
CA GLN A 40 -11.38 4.66 18.50
C GLN A 40 -10.23 3.69 18.74
N ALA A 41 -10.34 2.87 19.77
CA ALA A 41 -9.29 1.93 20.11
C ALA A 41 -9.09 0.90 19.00
N TRP A 42 -10.20 0.27 18.60
CA TRP A 42 -10.16 -0.75 17.56
C TRP A 42 -9.54 -0.18 16.31
N ALA A 43 -10.00 1.02 15.94
CA ALA A 43 -9.47 1.68 14.76
C ALA A 43 -7.98 1.93 14.90
N TYR A 44 -7.58 2.40 16.08
CA TYR A 44 -6.18 2.71 16.31
C TYR A 44 -5.30 1.48 16.22
N TYR A 45 -5.74 0.41 16.87
CA TYR A 45 -5.01 -0.85 16.94
C TYR A 45 -5.03 -1.74 15.69
N SER A 46 -6.17 -1.85 15.05
CA SER A 46 -6.27 -2.74 13.92
C SER A 46 -5.91 -2.19 12.55
N SER A 47 -5.72 -0.89 12.44
CA SER A 47 -5.42 -0.28 11.15
C SER A 47 -3.99 -0.35 10.65
N GLY A 48 -3.87 -0.25 9.33
CA GLY A 48 -2.57 -0.25 8.68
C GLY A 48 -2.56 0.94 7.72
N ALA A 49 -1.46 1.14 7.03
CA ALA A 49 -1.40 2.26 6.12
C ALA A 49 -2.15 2.04 4.80
N ASN A 50 -2.83 3.08 4.37
CA ASN A 50 -3.55 3.08 3.10
C ASN A 50 -4.40 1.86 2.85
N ASP A 51 -4.06 1.07 1.84
CA ASP A 51 -4.89 -0.10 1.52
C ASP A 51 -4.60 -1.30 2.42
N GLU A 52 -3.67 -1.13 3.36
CA GLU A 52 -3.33 -2.20 4.29
C GLU A 52 -2.84 -3.48 3.60
N VAL A 53 -2.19 -3.34 2.46
CA VAL A 53 -1.73 -4.48 1.72
C VAL A 53 -0.59 -5.14 2.48
N THR A 54 0.42 -4.35 2.83
CA THR A 54 1.55 -4.87 3.56
C THR A 54 1.14 -5.51 4.89
N HIS A 55 0.21 -4.89 5.61
CA HIS A 55 -0.26 -5.45 6.88
C HIS A 55 -0.67 -6.92 6.68
N ARG A 56 -1.54 -7.20 5.72
CA ARG A 56 -1.94 -8.58 5.48
C ARG A 56 -0.77 -9.41 4.88
N GLU A 57 -0.07 -8.86 3.90
CA GLU A 57 1.05 -9.60 3.31
C GLU A 57 2.08 -10.09 4.36
N ASN A 58 2.33 -9.30 5.41
CA ASN A 58 3.25 -9.72 6.46
C ASN A 58 2.91 -11.12 6.93
N HIS A 59 1.62 -11.36 7.12
CA HIS A 59 1.14 -12.66 7.59
C HIS A 59 1.07 -13.72 6.46
N ASN A 60 0.48 -13.38 5.33
CA ASN A 60 0.35 -14.34 4.25
C ASN A 60 1.67 -14.90 3.69
N ALA A 61 2.74 -14.11 3.69
CA ALA A 61 4.00 -14.60 3.16
C ALA A 61 4.49 -15.81 3.95
N TYR A 62 4.07 -15.92 5.19
CA TYR A 62 4.51 -17.08 5.95
C TYR A 62 3.94 -18.32 5.29
N HIS A 63 2.83 -18.16 4.59
CA HIS A 63 2.20 -19.31 3.97
C HIS A 63 2.82 -19.78 2.67
N ARG A 64 3.85 -19.05 2.21
CA ARG A 64 4.55 -19.44 0.99
C ARG A 64 5.67 -20.38 1.41
N ILE A 65 5.69 -20.74 2.70
CA ILE A 65 6.71 -21.59 3.22
C ILE A 65 6.14 -22.84 3.85
N PHE A 66 6.69 -23.99 3.44
CA PHE A 66 6.27 -25.25 3.99
C PHE A 66 7.38 -25.97 4.75
N PHE A 67 7.00 -26.99 5.52
CA PHE A 67 7.94 -27.77 6.31
C PHE A 67 8.39 -29.07 5.67
N LYS A 68 9.58 -29.52 6.06
CA LYS A 68 10.15 -30.79 5.62
C LYS A 68 10.59 -31.41 6.93
N PRO A 69 9.63 -31.84 7.76
CA PRO A 69 9.85 -32.44 9.07
C PRO A 69 10.58 -33.77 9.12
N LYS A 70 11.36 -33.96 10.19
CA LYS A 70 12.10 -35.22 10.40
C LYS A 70 11.21 -36.11 11.25
N ILE A 71 11.18 -37.41 10.96
CA ILE A 71 10.39 -38.35 11.76
C ILE A 71 11.34 -39.39 12.37
N LEU A 72 10.79 -40.22 13.24
CA LEU A 72 11.57 -41.24 13.95
C LEU A 72 12.71 -40.60 14.75
N VAL A 73 12.41 -39.46 15.37
CA VAL A 73 13.37 -38.72 16.19
C VAL A 73 12.82 -38.63 17.61
N ASP A 74 13.68 -38.87 18.60
CA ASP A 74 13.23 -38.79 19.98
C ASP A 74 12.88 -37.36 20.31
N VAL A 75 11.59 -37.09 20.41
CA VAL A 75 11.10 -35.75 20.70
C VAL A 75 10.36 -35.67 22.03
N ARG A 76 10.69 -36.57 22.97
CA ARG A 76 10.03 -36.51 24.28
C ARG A 76 10.32 -35.16 24.94
N LYS A 77 11.56 -34.72 24.87
CA LYS A 77 11.94 -33.43 25.45
C LYS A 77 12.16 -32.39 24.38
N VAL A 78 11.74 -31.17 24.66
CA VAL A 78 11.88 -30.07 23.73
C VAL A 78 12.26 -28.80 24.50
N ASP A 79 13.12 -27.98 23.90
CA ASP A 79 13.51 -26.75 24.56
C ASP A 79 13.40 -25.55 23.64
N ILE A 80 12.49 -24.64 23.96
CA ILE A 80 12.32 -23.46 23.12
C ILE A 80 12.95 -22.19 23.69
N SER A 81 13.86 -22.35 24.64
CA SER A 81 14.51 -21.17 25.21
C SER A 81 15.62 -20.75 24.27
N THR A 82 16.09 -19.53 24.42
CA THR A 82 17.16 -19.02 23.57
C THR A 82 17.80 -17.81 24.24
N ASP A 83 18.48 -16.99 23.45
CA ASP A 83 19.13 -15.84 24.00
C ASP A 83 18.95 -14.69 23.03
N MET A 84 18.73 -13.51 23.57
CA MET A 84 18.54 -12.35 22.75
C MET A 84 19.24 -11.18 23.40
N LEU A 85 20.00 -10.43 22.61
CA LEU A 85 20.67 -9.25 23.10
C LEU A 85 21.39 -9.48 24.43
N GLY A 86 22.04 -10.62 24.54
CA GLY A 86 22.79 -10.93 25.76
C GLY A 86 22.05 -11.55 26.92
N SER A 87 20.73 -11.62 26.87
CA SER A 87 19.95 -12.20 27.96
C SER A 87 19.34 -13.54 27.58
N HIS A 88 19.24 -14.45 28.55
CA HIS A 88 18.64 -15.75 28.32
C HIS A 88 17.14 -15.57 28.45
N VAL A 89 16.38 -16.12 27.52
CA VAL A 89 14.91 -15.99 27.55
C VAL A 89 14.23 -17.34 27.39
N ASP A 90 13.08 -17.49 28.05
CA ASP A 90 12.38 -18.75 28.01
C ASP A 90 11.77 -19.13 26.69
N VAL A 91 11.51 -18.14 25.84
CA VAL A 91 10.88 -18.37 24.55
C VAL A 91 11.57 -17.60 23.44
N PRO A 92 11.30 -17.97 22.19
CA PRO A 92 11.90 -17.32 21.02
C PRO A 92 11.09 -16.13 20.52
N PHE A 93 10.14 -15.65 21.33
CA PHE A 93 9.33 -14.51 20.90
C PHE A 93 9.26 -13.39 21.93
N TYR A 94 8.64 -12.26 21.58
CA TYR A 94 8.54 -11.15 22.49
C TYR A 94 7.39 -10.19 22.14
N VAL A 95 7.06 -9.32 23.09
CA VAL A 95 6.02 -8.34 22.86
C VAL A 95 6.65 -7.09 22.28
N SER A 96 6.29 -6.75 21.05
CA SER A 96 6.84 -5.56 20.44
C SER A 96 6.11 -4.32 20.97
N ALA A 97 6.79 -3.19 20.90
CA ALA A 97 6.25 -1.92 21.37
C ALA A 97 4.93 -1.50 20.72
N THR A 98 3.95 -1.15 21.55
CA THR A 98 2.66 -0.67 21.05
C THR A 98 2.21 0.53 21.87
N ALA A 99 2.27 1.70 21.22
CA ALA A 99 1.87 2.96 21.84
C ALA A 99 0.40 2.97 22.30
N LEU A 100 0.07 3.84 23.26
CA LEU A 100 -1.29 3.98 23.79
C LEU A 100 -2.06 2.71 24.19
N CYS A 101 -1.46 1.85 25.00
CA CYS A 101 -2.11 0.64 25.46
C CYS A 101 -3.34 0.93 26.33
N LYS A 102 -3.42 2.15 26.87
CA LYS A 102 -4.56 2.50 27.71
C LYS A 102 -5.84 2.67 26.89
N LEU A 103 -5.70 2.75 25.57
CA LEU A 103 -6.87 2.87 24.71
C LEU A 103 -7.74 1.62 24.85
N GLY A 104 -7.09 0.46 24.94
CA GLY A 104 -7.81 -0.80 25.10
C GLY A 104 -7.93 -1.25 26.53
N ASN A 105 -7.00 -0.80 27.37
CA ASN A 105 -6.95 -1.13 28.81
C ASN A 105 -6.74 0.22 29.53
N PRO A 106 -7.83 0.96 29.80
CA PRO A 106 -7.76 2.27 30.47
C PRO A 106 -7.08 2.36 31.85
N LEU A 107 -7.27 1.35 32.69
CA LEU A 107 -6.70 1.38 34.02
C LEU A 107 -5.25 0.96 34.12
N GLU A 108 -4.90 -0.15 33.49
CA GLU A 108 -3.53 -0.64 33.57
C GLU A 108 -2.59 -0.31 32.43
N GLY A 109 -3.10 -0.23 31.21
CA GLY A 109 -2.25 0.06 30.07
C GLY A 109 -1.08 -0.90 29.92
N GLU A 110 0.11 -0.36 29.75
CA GLU A 110 1.33 -1.14 29.58
C GLU A 110 1.76 -1.91 30.85
N LYS A 111 1.36 -1.41 32.02
CA LYS A 111 1.71 -2.07 33.27
C LYS A 111 1.15 -3.49 33.26
N ASP A 112 0.03 -3.66 32.59
CA ASP A 112 -0.60 -4.97 32.53
C ASP A 112 0.10 -5.93 31.55
N VAL A 113 0.74 -5.42 30.50
CA VAL A 113 1.42 -6.36 29.60
C VAL A 113 2.70 -6.77 30.33
N ALA A 114 3.24 -5.87 31.15
CA ALA A 114 4.44 -6.14 31.95
C ALA A 114 4.16 -7.25 32.99
N ARG A 115 3.04 -7.13 33.71
CA ARG A 115 2.72 -8.16 34.67
C ARG A 115 2.47 -9.48 33.93
N GLY A 116 1.81 -9.37 32.77
CA GLY A 116 1.48 -10.54 31.96
C GLY A 116 2.71 -11.29 31.49
N CYS A 117 3.78 -10.55 31.17
CA CYS A 117 5.03 -11.15 30.71
C CYS A 117 5.88 -11.79 31.81
N GLY A 118 5.64 -11.42 33.08
CA GLY A 118 6.42 -12.00 34.17
C GLY A 118 5.69 -12.79 35.24
N GLN A 119 4.37 -12.68 35.32
CA GLN A 119 3.60 -13.37 36.34
C GLN A 119 3.49 -14.89 36.23
N GLY A 120 3.72 -15.42 35.03
CA GLY A 120 3.63 -16.85 34.82
C GLY A 120 5.01 -17.48 34.81
N VAL A 121 5.05 -18.80 34.60
CA VAL A 121 6.31 -19.55 34.56
C VAL A 121 7.17 -19.18 33.36
N THR A 122 6.55 -18.58 32.34
CA THR A 122 7.27 -18.20 31.15
C THR A 122 7.42 -16.68 31.13
N LYS A 123 8.67 -16.21 31.27
CA LYS A 123 8.96 -14.80 31.30
C LYS A 123 9.31 -14.39 29.89
N VAL A 124 8.56 -13.45 29.37
CA VAL A 124 8.71 -12.98 28.00
C VAL A 124 9.18 -11.54 27.91
N PRO A 125 10.20 -11.26 27.08
CA PRO A 125 10.70 -9.89 26.93
C PRO A 125 9.57 -8.95 26.50
N GLN A 126 9.57 -7.75 27.06
CA GLN A 126 8.58 -6.75 26.69
C GLN A 126 9.27 -5.49 26.19
N MET A 127 8.93 -5.07 24.97
CA MET A 127 9.52 -3.86 24.42
C MET A 127 8.54 -2.74 24.78
N ILE A 128 9.06 -1.68 25.40
CA ILE A 128 8.25 -0.56 25.85
C ILE A 128 8.29 0.62 24.90
N SER A 129 7.12 1.03 24.43
CA SER A 129 7.06 2.15 23.50
C SER A 129 7.34 3.53 24.13
N THR A 130 7.92 4.40 23.32
CA THR A 130 8.23 5.78 23.71
C THR A 130 6.90 6.52 23.88
N LEU A 131 5.95 6.21 23.01
CA LEU A 131 4.63 6.82 23.03
C LEU A 131 3.64 6.05 23.91
N ALA A 132 4.14 5.31 24.88
CA ALA A 132 3.27 4.56 25.77
C ALA A 132 2.37 5.47 26.56
N SER A 133 1.24 4.91 27.03
CA SER A 133 0.30 5.68 27.84
C SER A 133 0.93 5.92 29.21
N CYS A 134 1.39 4.84 29.84
CA CYS A 134 2.04 4.93 31.13
C CYS A 134 3.45 5.51 30.99
N SER A 135 4.05 5.81 32.13
CA SER A 135 5.42 6.37 32.16
C SER A 135 6.39 5.20 32.22
N PRO A 136 7.64 5.43 31.78
CA PRO A 136 8.66 4.37 31.80
C PRO A 136 8.77 3.75 33.18
N GLU A 137 9.04 4.62 34.15
N GLU A 137 9.06 4.58 34.18
CA GLU A 137 9.19 4.24 35.55
CA GLU A 137 9.23 4.07 35.54
C GLU A 137 8.10 3.30 36.06
C GLU A 137 8.08 3.22 36.03
N GLU A 138 6.83 3.65 35.81
CA GLU A 138 5.73 2.81 36.28
C GLU A 138 5.62 1.49 35.51
N ILE A 139 6.00 1.51 34.24
CA ILE A 139 5.93 0.28 33.45
C ILE A 139 7.00 -0.69 33.97
N ILE A 140 8.21 -0.18 34.17
CA ILE A 140 9.30 -1.01 34.65
C ILE A 140 9.10 -1.50 36.09
N GLU A 141 8.49 -0.65 36.89
CA GLU A 141 8.22 -0.97 38.28
C GLU A 141 7.12 -2.04 38.39
N ALA A 142 6.25 -2.10 37.39
CA ALA A 142 5.17 -3.07 37.41
C ALA A 142 5.63 -4.49 37.13
N ALA A 143 6.84 -4.64 36.58
CA ALA A 143 7.40 -5.95 36.27
C ALA A 143 7.44 -6.76 37.57
N PRO A 144 6.73 -7.90 37.61
CA PRO A 144 6.70 -8.73 38.81
C PRO A 144 7.87 -9.66 39.05
N SER A 145 8.67 -9.91 38.01
CA SER A 145 9.83 -10.79 38.16
C SER A 145 11.12 -10.07 37.83
N ASP A 146 12.15 -10.36 38.61
CA ASP A 146 13.43 -9.74 38.40
C ASP A 146 14.11 -10.44 37.23
N LYS A 147 13.64 -11.64 36.93
CA LYS A 147 14.19 -12.42 35.83
C LYS A 147 13.67 -11.97 34.46
N GLN A 148 12.52 -11.30 34.44
CA GLN A 148 11.98 -10.86 33.16
C GLN A 148 12.75 -9.65 32.62
N ILE A 149 12.84 -9.55 31.31
CA ILE A 149 13.58 -8.44 30.75
C ILE A 149 12.65 -7.50 30.00
N GLN A 150 13.05 -6.24 29.93
CA GLN A 150 12.29 -5.22 29.23
C GLN A 150 13.22 -4.43 28.34
N TRP A 151 12.72 -4.02 27.18
CA TRP A 151 13.51 -3.26 26.25
C TRP A 151 12.79 -1.94 26.02
N TYR A 152 13.56 -0.90 25.76
CA TYR A 152 12.96 0.40 25.51
C TYR A 152 13.03 0.73 24.02
N GLN A 153 11.88 1.04 23.44
CA GLN A 153 11.81 1.41 22.02
C GLN A 153 11.89 2.92 22.03
N LEU A 154 12.79 3.43 21.22
CA LEU A 154 13.01 4.86 21.21
C LEU A 154 12.72 5.55 19.90
N TYR A 155 12.14 6.74 19.99
CA TYR A 155 11.91 7.58 18.83
C TYR A 155 12.87 8.74 19.15
N VAL A 156 13.73 9.12 18.22
CA VAL A 156 14.64 10.22 18.50
C VAL A 156 13.92 11.53 18.25
N ASN A 157 13.95 12.37 19.27
CA ASN A 157 13.28 13.68 19.25
C ASN A 157 14.07 14.74 18.50
N SER A 158 13.37 15.70 17.89
CA SER A 158 14.04 16.80 17.19
C SER A 158 14.89 17.49 18.26
N ASP A 159 14.39 17.51 19.49
CA ASP A 159 15.15 18.09 20.60
C ASP A 159 15.98 16.94 21.17
N ARG A 160 17.22 16.81 20.73
CA ARG A 160 18.07 15.71 21.18
C ARG A 160 18.34 15.64 22.68
N LYS A 161 18.19 16.76 23.38
CA LYS A 161 18.41 16.77 24.83
C LYS A 161 17.40 15.82 25.47
N ILE A 162 16.14 15.96 25.07
CA ILE A 162 15.07 15.12 25.59
C ILE A 162 15.42 13.65 25.41
N THR A 163 15.90 13.30 24.22
CA THR A 163 16.27 11.92 23.92
C THR A 163 17.46 11.47 24.78
N ASP A 164 18.52 12.29 24.82
CA ASP A 164 19.69 11.94 25.62
C ASP A 164 19.31 11.66 27.07
N ASP A 165 18.42 12.49 27.61
CA ASP A 165 17.99 12.32 29.00
C ASP A 165 17.13 11.08 29.15
N LEU A 166 16.20 10.86 28.22
CA LEU A 166 15.33 9.69 28.29
C LEU A 166 16.15 8.40 28.27
N VAL A 167 17.24 8.40 27.49
CA VAL A 167 18.09 7.23 27.41
C VAL A 167 18.79 7.03 28.74
N LYS A 168 19.35 8.10 29.31
CA LYS A 168 20.02 7.98 30.60
C LYS A 168 19.02 7.41 31.60
N ASN A 169 17.81 7.93 31.53
CA ASN A 169 16.75 7.49 32.43
C ASN A 169 16.36 6.02 32.30
N VAL A 170 16.02 5.56 31.08
CA VAL A 170 15.63 4.16 30.93
C VAL A 170 16.81 3.23 31.24
N GLU A 171 18.02 3.69 30.96
CA GLU A 171 19.19 2.87 31.27
C GLU A 171 19.31 2.75 32.78
N LYS A 172 19.10 3.86 33.49
CA LYS A 172 19.15 3.84 34.96
C LYS A 172 18.05 2.91 35.47
N LEU A 173 16.87 2.97 34.85
CA LEU A 173 15.74 2.13 35.22
C LEU A 173 15.96 0.64 34.98
N GLY A 174 16.96 0.29 34.18
CA GLY A 174 17.24 -1.12 33.97
C GLY A 174 16.79 -1.85 32.72
N VAL A 175 16.44 -1.13 31.66
CA VAL A 175 16.03 -1.79 30.42
C VAL A 175 17.30 -2.42 29.83
N LYS A 176 17.17 -3.59 29.22
CA LYS A 176 18.30 -4.31 28.66
C LYS A 176 18.74 -3.93 27.25
N ALA A 177 17.97 -3.10 26.57
CA ALA A 177 18.37 -2.73 25.21
C ALA A 177 17.57 -1.57 24.65
N LEU A 178 18.12 -0.91 23.64
CA LEU A 178 17.41 0.19 23.01
C LEU A 178 17.08 -0.16 21.58
N PHE A 179 15.80 -0.14 21.24
CA PHE A 179 15.38 -0.40 19.86
C PHE A 179 15.02 0.96 19.30
N VAL A 180 15.82 1.52 18.41
CA VAL A 180 15.45 2.82 17.86
C VAL A 180 14.70 2.63 16.55
N THR A 181 13.46 3.11 16.50
CA THR A 181 12.59 2.96 15.34
C THR A 181 12.89 3.92 14.22
N VAL A 182 13.13 3.38 13.03
CA VAL A 182 13.45 4.25 11.90
C VAL A 182 12.50 4.20 10.70
N ASP A 183 11.37 3.51 10.86
CA ASP A 183 10.41 3.41 9.76
C ASP A 183 9.25 4.37 9.95
N ALA A 184 9.39 5.33 10.85
CA ALA A 184 8.30 6.29 11.05
C ALA A 184 8.76 7.73 11.08
N PRO A 185 9.67 8.11 10.17
CA PRO A 185 10.12 9.51 10.17
C PRO A 185 8.94 10.42 9.89
N SER A 186 7.90 9.84 9.31
CA SER A 186 6.67 10.55 9.00
C SER A 186 5.56 9.58 9.38
N LEU A 187 4.40 10.11 9.71
CA LEU A 187 3.28 9.28 10.14
C LEU A 187 2.52 8.64 8.98
N GLY A 188 2.31 7.32 9.05
CA GLY A 188 1.57 6.64 8.00
C GLY A 188 0.08 6.98 8.05
N GLN A 189 -0.59 6.94 6.90
CA GLN A 189 -2.01 7.25 6.84
C GLN A 189 -2.90 6.04 7.18
N ARG A 190 -3.37 5.97 8.42
N ARG A 190 -3.38 5.99 8.42
CA ARG A 190 -4.25 4.89 8.83
CA ARG A 190 -4.25 4.91 8.86
C ARG A 190 -5.68 5.44 8.65
C ARG A 190 -5.68 5.46 8.65
N GLU A 191 -6.28 5.10 7.51
CA GLU A 191 -7.61 5.59 7.17
C GLU A 191 -8.80 5.19 8.02
N LYS A 192 -8.81 4.00 8.62
CA LYS A 192 -9.94 3.63 9.48
C LYS A 192 -9.98 4.66 10.61
N ASP A 193 -8.81 5.05 11.05
CA ASP A 193 -8.61 6.01 12.13
C ASP A 193 -9.10 7.38 11.70
N MET A 194 -8.70 7.79 10.51
CA MET A 194 -9.10 9.07 9.99
C MET A 194 -10.62 9.22 9.83
N LYS A 195 -11.31 8.17 9.40
CA LYS A 195 -12.77 8.25 9.22
C LYS A 195 -13.45 8.60 10.52
N LEU A 196 -12.93 8.05 11.61
CA LEU A 196 -13.49 8.29 12.93
C LEU A 196 -13.41 9.76 13.32
N LYS A 197 -12.32 10.43 12.97
CA LYS A 197 -12.16 11.82 13.32
C LYS A 197 -13.01 12.75 12.45
N PHE A 198 -14.15 12.21 12.03
CA PHE A 198 -15.18 12.89 11.23
C PHE A 198 -16.47 12.37 11.87
N SER A 199 -16.60 12.57 13.18
CA SER A 199 -17.77 12.10 13.93
C SER A 199 -18.37 13.21 14.81
N ALA A 219 0.23 17.73 4.06
CA ALA A 219 1.37 16.96 3.58
C ALA A 219 2.41 16.80 4.70
N SER A 220 2.99 17.91 5.14
CA SER A 220 3.99 17.88 6.21
C SER A 220 3.24 17.79 7.57
N ARG A 221 1.94 17.55 7.47
CA ARG A 221 1.05 17.39 8.61
C ARG A 221 1.30 16.02 9.25
N ALA A 222 1.99 15.15 8.51
CA ALA A 222 2.31 13.81 8.99
C ALA A 222 3.63 13.82 9.75
N LEU A 223 4.31 14.97 9.76
CA LEU A 223 5.55 15.09 10.50
C LEU A 223 5.27 15.69 11.87
N SER A 224 6.13 15.38 12.83
CA SER A 224 6.03 15.92 14.20
C SER A 224 7.47 16.00 14.74
N LYS A 225 7.87 17.17 15.25
CA LYS A 225 9.21 17.33 15.79
C LYS A 225 9.48 16.30 16.89
N PHE A 226 8.42 15.73 17.45
CA PHE A 226 8.54 14.70 18.47
C PHE A 226 9.36 13.52 17.92
N ILE A 227 9.15 13.20 16.63
CA ILE A 227 9.90 12.15 15.97
C ILE A 227 10.64 12.82 14.81
N ASP A 228 11.93 12.97 14.98
CA ASP A 228 12.79 13.66 14.04
C ASP A 228 12.93 12.94 12.69
N PRO A 229 12.44 13.56 11.61
CA PRO A 229 12.50 13.00 10.26
C PRO A 229 13.89 13.12 9.65
N SER A 230 14.82 13.73 10.39
CA SER A 230 16.17 13.91 9.88
C SER A 230 17.20 12.92 10.44
N LEU A 231 16.75 11.92 11.20
CA LEU A 231 17.65 10.91 11.77
C LEU A 231 18.43 10.22 10.64
N THR A 232 19.73 10.04 10.84
CA THR A 232 20.57 9.39 9.85
C THR A 232 21.49 8.41 10.55
N TRP A 233 22.27 7.67 9.76
CA TRP A 233 23.20 6.68 10.28
C TRP A 233 24.18 7.32 11.25
N LYS A 234 24.66 8.52 10.90
CA LYS A 234 25.60 9.27 11.74
C LYS A 234 25.00 9.39 13.13
N ASP A 235 23.73 9.79 13.17
CA ASP A 235 23.05 9.93 14.44
C ASP A 235 23.09 8.63 15.24
N ILE A 236 22.97 7.49 14.56
CA ILE A 236 23.00 6.22 15.28
C ILE A 236 24.39 5.95 15.80
N GLU A 237 25.40 6.29 15.00
CA GLU A 237 26.78 6.07 15.40
C GLU A 237 27.07 6.81 16.69
N GLU A 238 26.59 8.04 16.79
CA GLU A 238 26.81 8.84 17.98
C GLU A 238 26.02 8.31 19.18
N LEU A 239 24.81 7.83 18.95
CA LEU A 239 24.00 7.30 20.02
C LEU A 239 24.76 6.11 20.61
N LYS A 240 25.43 5.36 19.74
CA LYS A 240 26.19 4.18 20.14
C LYS A 240 27.27 4.56 21.16
N LYS A 241 27.78 5.79 21.03
CA LYS A 241 28.81 6.26 21.95
C LYS A 241 28.25 6.76 23.28
N LYS A 242 27.01 7.27 23.26
CA LYS A 242 26.41 7.79 24.49
C LYS A 242 25.76 6.74 25.40
N THR A 243 25.82 5.46 25.04
CA THR A 243 25.20 4.46 25.92
C THR A 243 25.87 3.11 25.84
N LYS A 244 25.67 2.31 26.87
CA LYS A 244 26.30 1.01 26.94
C LYS A 244 25.29 -0.09 26.61
N LEU A 245 24.04 0.30 26.46
CA LEU A 245 22.96 -0.63 26.13
C LEU A 245 23.09 -1.05 24.69
N PRO A 246 22.81 -2.34 24.41
CA PRO A 246 22.90 -2.81 23.03
C PRO A 246 21.86 -1.99 22.27
N ILE A 247 22.19 -1.64 21.04
CA ILE A 247 21.27 -0.88 20.21
C ILE A 247 20.78 -1.75 19.04
N VAL A 248 19.49 -1.67 18.76
CA VAL A 248 18.90 -2.41 17.66
C VAL A 248 18.12 -1.42 16.78
N ILE A 249 18.35 -1.47 15.47
CA ILE A 249 17.65 -0.58 14.57
C ILE A 249 16.38 -1.29 14.12
N LYS A 250 15.26 -0.77 14.61
CA LYS A 250 13.95 -1.34 14.34
C LYS A 250 13.27 -0.70 13.17
N GLY A 251 12.92 -1.51 12.16
CA GLY A 251 12.22 -0.98 11.00
C GLY A 251 12.96 -1.08 9.69
N VAL A 252 13.93 -1.99 9.61
CA VAL A 252 14.70 -2.17 8.38
C VAL A 252 13.90 -2.98 7.39
N GLN A 253 13.94 -2.57 6.13
CA GLN A 253 13.14 -3.22 5.10
C GLN A 253 13.84 -3.64 3.81
N ARG A 254 15.16 -3.63 3.81
CA ARG A 254 15.91 -4.02 2.62
C ARG A 254 17.23 -4.57 3.13
N THR A 255 17.87 -5.40 2.33
CA THR A 255 19.14 -5.98 2.75
C THR A 255 20.28 -4.95 2.90
N GLU A 256 20.32 -3.96 2.02
CA GLU A 256 21.37 -2.94 2.09
C GLU A 256 21.50 -2.29 3.46
N ASP A 257 20.38 -2.07 4.13
CA ASP A 257 20.43 -1.43 5.44
C ASP A 257 20.78 -2.41 6.56
N VAL A 258 20.59 -3.69 6.34
CA VAL A 258 20.98 -4.62 7.36
C VAL A 258 22.50 -4.58 7.34
N ILE A 259 23.07 -4.58 6.13
CA ILE A 259 24.52 -4.55 5.97
C ILE A 259 25.12 -3.26 6.57
N LYS A 260 24.45 -2.12 6.36
CA LYS A 260 24.92 -0.84 6.92
C LYS A 260 24.93 -0.91 8.43
N ALA A 261 23.86 -1.47 8.99
CA ALA A 261 23.77 -1.62 10.43
C ALA A 261 24.93 -2.48 10.96
N ALA A 262 25.17 -3.62 10.29
CA ALA A 262 26.26 -4.48 10.71
C ALA A 262 27.60 -3.74 10.64
N GLU A 263 27.78 -2.92 9.61
CA GLU A 263 29.03 -2.20 9.47
C GLU A 263 29.26 -1.10 10.49
N ILE A 264 28.21 -0.46 11.01
CA ILE A 264 28.43 0.59 12.02
C ILE A 264 28.46 -0.03 13.41
N GLY A 265 28.33 -1.35 13.46
CA GLY A 265 28.41 -2.06 14.71
C GLY A 265 27.26 -2.13 15.71
N VAL A 266 26.04 -1.81 15.32
CA VAL A 266 24.96 -1.91 16.31
C VAL A 266 24.75 -3.39 16.63
N SER A 267 23.98 -3.68 17.67
CA SER A 267 23.78 -5.07 18.04
C SER A 267 22.79 -5.89 17.20
N GLY A 268 21.84 -5.22 16.56
CA GLY A 268 20.92 -5.94 15.72
C GLY A 268 19.94 -5.06 14.99
N VAL A 269 19.03 -5.69 14.29
CA VAL A 269 18.02 -4.95 13.58
C VAL A 269 16.76 -5.75 13.67
N VAL A 270 15.62 -5.09 13.55
CA VAL A 270 14.41 -5.85 13.47
C VAL A 270 13.85 -5.54 12.07
N LEU A 271 13.80 -6.59 11.25
CA LEU A 271 13.25 -6.53 9.91
C LEU A 271 11.77 -6.24 10.18
N SER A 272 11.32 -5.03 9.88
CA SER A 272 9.96 -4.67 10.16
C SER A 272 9.43 -3.51 9.32
N ASN A 273 8.11 -3.42 9.22
CA ASN A 273 7.51 -2.31 8.51
C ASN A 273 6.42 -1.70 9.35
N HIS A 274 6.60 -1.82 10.67
CA HIS A 274 5.67 -1.23 11.63
C HIS A 274 4.27 -1.87 11.56
N GLY A 275 4.24 -3.17 11.34
CA GLY A 275 2.98 -3.86 11.26
C GLY A 275 2.12 -3.30 10.15
N GLY A 276 2.74 -2.95 9.02
CA GLY A 276 2.01 -2.43 7.87
C GLY A 276 1.34 -1.11 8.11
N ARG A 277 1.86 -0.35 9.06
CA ARG A 277 1.26 0.93 9.43
C ARG A 277 1.99 2.13 8.85
N GLN A 278 3.00 1.86 8.04
CA GLN A 278 3.78 2.94 7.46
C GLN A 278 3.77 2.97 5.91
N LEU A 279 4.79 2.42 5.27
CA LEU A 279 4.83 2.41 3.81
C LEU A 279 4.01 1.21 3.37
N ASP A 280 2.99 1.42 2.53
CA ASP A 280 2.25 0.28 2.05
C ASP A 280 3.07 -0.25 0.85
N PHE A 281 3.12 -1.56 0.74
CA PHE A 281 3.87 -2.28 -0.29
C PHE A 281 5.32 -2.48 0.08
N SER A 282 5.57 -2.42 1.38
CA SER A 282 6.88 -2.75 1.88
C SER A 282 6.70 -4.29 1.88
N ARG A 283 7.78 -5.06 1.79
CA ARG A 283 7.64 -6.52 1.76
C ARG A 283 7.45 -7.18 3.11
N ALA A 284 6.96 -8.42 3.07
CA ALA A 284 6.79 -9.19 4.29
C ALA A 284 8.19 -9.34 4.89
N PRO A 285 8.36 -9.02 6.17
CA PRO A 285 9.71 -9.17 6.75
C PRO A 285 10.24 -10.59 6.66
N ILE A 286 9.35 -11.58 6.62
CA ILE A 286 9.84 -12.95 6.54
C ILE A 286 10.57 -13.17 5.23
N GLU A 287 10.12 -12.48 4.19
CA GLU A 287 10.73 -12.61 2.88
C GLU A 287 12.05 -11.88 2.85
N VAL A 288 12.10 -10.74 3.53
CA VAL A 288 13.32 -9.94 3.58
C VAL A 288 14.34 -10.71 4.40
N LEU A 289 13.85 -11.44 5.40
CA LEU A 289 14.75 -12.24 6.22
C LEU A 289 15.41 -13.34 5.37
N ALA A 290 14.59 -14.03 4.57
CA ALA A 290 15.06 -15.11 3.69
C ALA A 290 16.15 -14.63 2.74
N GLU A 291 15.97 -13.44 2.22
CA GLU A 291 16.94 -12.87 1.32
C GLU A 291 18.21 -12.40 2.03
N THR A 292 18.02 -11.81 3.19
CA THR A 292 19.11 -11.24 3.97
C THR A 292 20.18 -12.14 4.62
N MET A 293 19.77 -13.14 5.39
CA MET A 293 20.77 -13.96 6.06
C MET A 293 21.82 -14.56 5.13
N PRO A 294 21.40 -15.09 3.96
CA PRO A 294 22.46 -15.67 3.12
C PRO A 294 23.45 -14.59 2.67
N ILE A 295 22.93 -13.40 2.40
CA ILE A 295 23.78 -12.32 1.96
C ILE A 295 24.72 -11.89 3.07
N LEU A 296 24.25 -11.94 4.33
CA LEU A 296 25.13 -11.55 5.43
C LEU A 296 26.33 -12.52 5.45
N GLU A 297 26.09 -13.79 5.18
CA GLU A 297 27.19 -14.75 5.17
C GLU A 297 28.15 -14.47 4.05
N GLN A 298 27.62 -14.24 2.86
CA GLN A 298 28.48 -13.94 1.73
C GLN A 298 29.38 -12.74 2.02
N ARG A 299 28.82 -11.72 2.69
CA ARG A 299 29.58 -10.50 3.00
C ARG A 299 30.47 -10.65 4.23
N ASN A 300 30.60 -11.88 4.72
CA ASN A 300 31.44 -12.14 5.87
C ASN A 300 30.95 -11.36 7.07
N LEU A 301 29.64 -11.37 7.28
CA LEU A 301 29.02 -10.66 8.39
C LEU A 301 28.15 -11.58 9.23
N LYS A 302 28.29 -12.87 9.01
CA LYS A 302 27.53 -13.87 9.73
C LYS A 302 27.63 -13.64 11.24
N ASP A 303 26.49 -13.57 11.89
CA ASP A 303 26.48 -13.40 13.34
C ASP A 303 27.01 -12.06 13.87
N LYS A 304 27.37 -11.13 13.01
CA LYS A 304 27.82 -9.86 13.55
C LYS A 304 26.61 -9.11 14.11
N LEU A 305 25.45 -9.46 13.60
CA LEU A 305 24.18 -8.84 13.96
C LEU A 305 23.18 -9.85 14.46
N GLU A 306 22.26 -9.41 15.31
CA GLU A 306 21.18 -10.28 15.77
C GLU A 306 19.99 -9.73 15.00
N VAL A 307 19.33 -10.59 14.22
CA VAL A 307 18.20 -10.17 13.38
C VAL A 307 16.83 -10.67 13.83
N PHE A 308 15.96 -9.72 14.12
CA PHE A 308 14.62 -9.99 14.59
C PHE A 308 13.61 -9.65 13.50
N VAL A 309 12.41 -10.24 13.58
CA VAL A 309 11.36 -9.92 12.61
C VAL A 309 10.05 -9.77 13.35
N ASP A 310 9.15 -8.97 12.79
CA ASP A 310 7.83 -8.83 13.38
C ASP A 310 6.82 -8.63 12.22
N GLY A 311 5.53 -8.61 12.54
CA GLY A 311 4.51 -8.42 11.52
C GLY A 311 3.75 -9.65 11.05
N GLY A 312 2.45 -9.67 11.34
CA GLY A 312 1.59 -10.78 10.94
C GLY A 312 1.87 -12.13 11.58
N VAL A 313 2.67 -12.21 12.62
CA VAL A 313 2.96 -13.49 13.23
C VAL A 313 1.78 -13.82 14.15
N ARG A 314 1.15 -14.96 13.91
CA ARG A 314 -0.04 -15.32 14.68
C ARG A 314 -0.07 -16.76 15.16
N ARG A 315 0.79 -17.61 14.57
CA ARG A 315 0.87 -19.02 14.93
C ARG A 315 2.30 -19.40 15.26
N GLY A 316 2.43 -20.41 16.10
CA GLY A 316 3.74 -20.92 16.48
C GLY A 316 4.53 -21.32 15.25
N THR A 317 3.86 -21.89 14.25
CA THR A 317 4.59 -22.30 13.04
C THR A 317 5.12 -21.06 12.32
N ASP A 318 4.46 -19.89 12.50
CA ASP A 318 4.99 -18.67 11.87
C ASP A 318 6.35 -18.40 12.50
N VAL A 319 6.39 -18.46 13.82
CA VAL A 319 7.63 -18.27 14.59
C VAL A 319 8.70 -19.28 14.17
N LEU A 320 8.33 -20.56 14.09
CA LEU A 320 9.31 -21.59 13.71
C LEU A 320 9.92 -21.30 12.34
N LYS A 321 9.10 -20.84 11.40
CA LYS A 321 9.66 -20.54 10.08
C LYS A 321 10.67 -19.42 10.21
N ALA A 322 10.34 -18.37 10.92
CA ALA A 322 11.29 -17.28 11.09
C ALA A 322 12.61 -17.77 11.71
N LEU A 323 12.53 -18.57 12.77
CA LEU A 323 13.71 -19.08 13.44
C LEU A 323 14.55 -19.95 12.49
N CYS A 324 13.89 -20.81 11.72
CA CYS A 324 14.60 -21.66 10.76
C CYS A 324 15.37 -20.83 9.75
N LEU A 325 14.85 -19.64 9.40
CA LEU A 325 15.57 -18.79 8.46
C LEU A 325 16.64 -17.93 9.13
N GLY A 326 16.86 -18.11 10.43
CA GLY A 326 17.91 -17.35 11.11
C GLY A 326 17.55 -16.18 12.01
N ALA A 327 16.27 -15.98 12.30
CA ALA A 327 15.88 -14.88 13.16
C ALA A 327 16.32 -15.18 14.58
N LYS A 328 16.73 -14.17 15.34
CA LYS A 328 17.12 -14.42 16.71
C LYS A 328 15.88 -14.46 17.57
N GLY A 329 14.88 -13.68 17.18
CA GLY A 329 13.65 -13.63 17.93
C GLY A 329 12.55 -13.06 17.08
N VAL A 330 11.30 -13.40 17.42
CA VAL A 330 10.11 -12.97 16.68
C VAL A 330 9.19 -12.13 17.55
N GLY A 331 8.87 -10.94 17.09
CA GLY A 331 7.99 -10.04 17.83
C GLY A 331 6.55 -10.08 17.39
N LEU A 332 5.65 -9.77 18.31
CA LEU A 332 4.23 -9.72 18.02
C LEU A 332 3.67 -8.46 18.64
N GLY A 333 2.86 -7.74 17.87
CA GLY A 333 2.26 -6.52 18.36
C GLY A 333 0.79 -6.70 18.72
N ARG A 334 -0.05 -6.50 17.73
CA ARG A 334 -1.49 -6.60 17.92
C ARG A 334 -2.03 -7.77 18.74
N PRO A 335 -1.59 -9.01 18.49
CA PRO A 335 -2.18 -10.09 19.31
C PRO A 335 -2.15 -9.80 20.81
N PHE A 336 -1.00 -9.33 21.30
CA PHE A 336 -0.90 -9.04 22.72
C PHE A 336 -1.77 -7.86 23.09
N LEU A 337 -1.81 -6.85 22.23
CA LEU A 337 -2.66 -5.70 22.48
C LEU A 337 -4.10 -6.13 22.70
N TYR A 338 -4.60 -7.04 21.86
CA TYR A 338 -5.97 -7.51 21.99
C TYR A 338 -6.17 -8.33 23.25
N ALA A 339 -5.19 -9.16 23.57
CA ALA A 339 -5.30 -9.97 24.77
C ALA A 339 -5.35 -9.04 26.01
N ASN A 340 -4.47 -8.05 26.03
CA ASN A 340 -4.42 -7.12 27.14
C ASN A 340 -5.72 -6.33 27.30
N SER A 341 -6.29 -5.91 26.17
CA SER A 341 -7.52 -5.12 26.17
C SER A 341 -8.74 -5.88 26.65
N CYS A 342 -8.85 -7.16 26.30
CA CYS A 342 -10.01 -7.94 26.69
C CYS A 342 -9.89 -8.69 28.00
N TYR A 343 -8.69 -9.12 28.33
CA TYR A 343 -8.52 -9.87 29.56
C TYR A 343 -7.42 -9.34 30.46
N GLY A 344 -6.78 -8.25 30.06
CA GLY A 344 -5.73 -7.66 30.87
C GLY A 344 -4.51 -8.55 31.06
N ARG A 345 -3.81 -8.31 32.17
CA ARG A 345 -2.61 -9.05 32.47
C ARG A 345 -2.76 -10.53 32.29
N ASN A 346 -3.90 -11.09 32.68
CA ASN A 346 -4.12 -12.53 32.55
C ASN A 346 -4.27 -12.93 31.09
N GLY A 347 -4.81 -12.01 30.29
CA GLY A 347 -4.96 -12.30 28.89
C GLY A 347 -3.58 -12.43 28.25
N VAL A 348 -2.72 -11.47 28.56
CA VAL A 348 -1.36 -11.47 28.04
C VAL A 348 -0.69 -12.76 28.45
N GLU A 349 -0.89 -13.19 29.69
CA GLU A 349 -0.27 -14.42 30.13
C GLU A 349 -0.80 -15.60 29.32
N LYS A 350 -2.12 -15.59 29.08
CA LYS A 350 -2.76 -16.64 28.31
C LYS A 350 -2.14 -16.70 26.90
N ALA A 351 -2.08 -15.53 26.26
CA ALA A 351 -1.53 -15.40 24.90
C ALA A 351 -0.16 -16.02 24.87
N ILE A 352 0.64 -15.67 25.87
CA ILE A 352 1.97 -16.21 25.98
C ILE A 352 1.90 -17.74 26.06
N GLU A 353 1.00 -18.26 26.88
CA GLU A 353 0.91 -19.72 27.00
C GLU A 353 0.52 -20.41 25.69
N ILE A 354 -0.41 -19.81 24.96
CA ILE A 354 -0.89 -20.34 23.69
C ILE A 354 0.25 -20.38 22.65
N LEU A 355 1.00 -19.29 22.56
CA LEU A 355 2.07 -19.26 21.61
C LEU A 355 3.13 -20.24 22.02
N ARG A 356 3.45 -20.29 23.30
CA ARG A 356 4.47 -21.19 23.79
C ARG A 356 4.15 -22.63 23.39
N ASP A 357 2.93 -23.06 23.63
CA ASP A 357 2.55 -24.43 23.33
C ASP A 357 2.51 -24.73 21.83
N GLU A 358 2.06 -23.77 21.03
CA GLU A 358 2.02 -24.02 19.60
C GLU A 358 3.45 -24.26 19.11
N ILE A 359 4.41 -23.50 19.65
CA ILE A 359 5.79 -23.65 19.25
C ILE A 359 6.37 -25.00 19.66
N GLU A 360 6.13 -25.41 20.91
CA GLU A 360 6.66 -26.69 21.39
C GLU A 360 6.05 -27.86 20.66
N MET A 361 4.74 -27.86 20.51
N MET A 361 4.73 -27.84 20.51
CA MET A 361 4.09 -28.98 19.85
CA MET A 361 4.02 -28.92 19.81
C MET A 361 4.52 -29.16 18.39
C MET A 361 4.57 -29.14 18.42
N SER A 362 4.65 -28.06 17.64
CA SER A 362 5.08 -28.16 16.26
C SER A 362 6.59 -28.42 16.11
N MET A 363 7.37 -28.02 17.10
CA MET A 363 8.79 -28.31 17.09
C MET A 363 8.88 -29.85 17.18
N ARG A 364 8.08 -30.46 18.06
CA ARG A 364 8.10 -31.91 18.17
C ARG A 364 7.81 -32.56 16.84
N LEU A 365 6.77 -32.11 16.17
CA LEU A 365 6.37 -32.70 14.89
C LEU A 365 7.40 -32.39 13.81
N LEU A 366 8.12 -31.29 13.97
CA LEU A 366 9.16 -30.91 13.03
C LEU A 366 10.33 -31.89 13.18
N GLY A 367 10.47 -32.46 14.38
CA GLY A 367 11.54 -33.41 14.60
C GLY A 367 12.83 -32.83 15.12
N VAL A 368 12.76 -31.73 15.87
CA VAL A 368 13.96 -31.14 16.44
C VAL A 368 13.65 -30.90 17.91
N THR A 369 14.69 -30.66 18.71
CA THR A 369 14.48 -30.52 20.15
C THR A 369 14.96 -29.24 20.79
N SER A 370 15.56 -28.34 20.01
CA SER A 370 16.02 -27.05 20.54
C SER A 370 16.01 -25.96 19.45
N ILE A 371 16.00 -24.70 19.88
CA ILE A 371 15.98 -23.56 18.96
C ILE A 371 17.18 -23.59 18.01
N ALA A 372 18.33 -24.03 18.53
CA ALA A 372 19.53 -24.09 17.70
C ALA A 372 19.38 -25.06 16.53
N GLU A 373 18.54 -26.08 16.69
CA GLU A 373 18.33 -27.06 15.63
C GLU A 373 17.37 -26.58 14.54
N LEU A 374 16.72 -25.45 14.75
CA LEU A 374 15.80 -24.91 13.74
C LEU A 374 16.63 -24.28 12.66
N LYS A 375 16.83 -24.99 11.56
CA LYS A 375 17.64 -24.52 10.44
C LYS A 375 16.87 -24.51 9.11
N PRO A 376 17.45 -23.91 8.06
CA PRO A 376 16.67 -23.91 6.82
C PRO A 376 16.41 -25.25 6.14
N ASP A 377 17.20 -26.27 6.51
N ASP A 377 17.21 -26.29 6.37
CA ASP A 377 17.08 -27.64 5.98
CA ASP A 377 16.92 -27.55 5.69
C ASP A 377 15.74 -28.25 6.40
C ASP A 377 15.58 -28.13 6.20
N LEU A 378 15.02 -27.53 7.25
CA LEU A 378 13.72 -28.00 7.74
C LEU A 378 12.60 -27.35 6.96
N LEU A 379 12.92 -26.33 6.16
CA LEU A 379 11.90 -25.65 5.39
C LEU A 379 11.93 -25.96 3.91
N ASP A 380 10.76 -25.90 3.29
CA ASP A 380 10.67 -26.05 1.84
C ASP A 380 10.52 -24.59 1.38
N LEU A 381 11.57 -24.02 0.77
CA LEU A 381 11.55 -22.61 0.35
C LEU A 381 11.31 -22.44 -1.14
N SER A 382 11.09 -23.54 -1.83
CA SER A 382 10.93 -23.53 -3.26
C SER A 382 9.84 -22.59 -3.81
N THR A 383 8.83 -22.28 -3.00
CA THR A 383 7.78 -21.42 -3.49
C THR A 383 7.68 -20.14 -2.69
N LEU A 384 8.79 -19.73 -2.09
CA LEU A 384 8.80 -18.52 -1.30
C LEU A 384 8.48 -17.30 -2.15
N LYS A 385 8.78 -17.39 -3.43
CA LYS A 385 8.55 -16.28 -4.34
C LYS A 385 7.22 -16.28 -5.08
N ALA A 386 6.32 -17.19 -4.75
CA ALA A 386 5.04 -17.22 -5.43
C ALA A 386 4.04 -16.24 -4.81
N ARG A 387 4.37 -14.96 -4.92
CA ARG A 387 3.53 -13.86 -4.42
C ARG A 387 2.84 -13.41 -5.73
N THR A 388 1.57 -13.79 -5.86
CA THR A 388 0.82 -13.53 -7.08
C THR A 388 -0.31 -12.52 -7.09
N VAL A 389 -0.71 -12.14 -8.29
CA VAL A 389 -1.83 -11.24 -8.51
C VAL A 389 -2.53 -11.82 -9.73
N GLY A 390 -3.70 -12.41 -9.47
CA GLY A 390 -4.41 -13.01 -10.57
C GLY A 390 -5.00 -12.06 -11.59
N VAL A 391 -5.21 -12.59 -12.80
CA VAL A 391 -5.84 -11.87 -13.87
C VAL A 391 -7.27 -11.62 -13.34
N PRO A 392 -7.85 -10.46 -13.62
CA PRO A 392 -9.20 -10.25 -13.07
C PRO A 392 -10.24 -11.27 -13.51
N ASN A 393 -11.20 -11.51 -12.63
CA ASN A 393 -12.29 -12.44 -12.86
C ASN A 393 -13.16 -12.19 -14.06
N ASP A 394 -13.44 -13.24 -14.83
CA ASP A 394 -14.32 -13.13 -15.98
C ASP A 394 -15.70 -13.19 -15.33
N VAL A 395 -16.24 -12.05 -14.89
CA VAL A 395 -17.51 -12.10 -14.21
C VAL A 395 -18.66 -12.72 -14.97
N LEU A 396 -18.87 -12.38 -16.24
CA LEU A 396 -20.00 -12.99 -16.96
C LEU A 396 -19.85 -14.51 -17.03
N TYR A 397 -18.69 -14.99 -17.47
CA TYR A 397 -18.47 -16.43 -17.55
C TYR A 397 -18.77 -17.18 -16.22
N ASN A 398 -18.26 -16.63 -15.11
CA ASN A 398 -18.46 -17.24 -13.80
C ASN A 398 -19.85 -17.03 -13.24
N GLU A 399 -20.47 -15.91 -13.57
CA GLU A 399 -21.78 -15.66 -13.05
C GLU A 399 -22.76 -16.66 -13.66
N VAL A 400 -22.72 -16.81 -14.99
CA VAL A 400 -23.63 -17.70 -15.68
C VAL A 400 -23.35 -19.18 -15.38
N TYR A 401 -22.09 -19.53 -15.16
CA TYR A 401 -21.73 -20.91 -14.85
C TYR A 401 -22.44 -21.40 -13.60
N GLU A 402 -22.82 -22.68 -13.61
CA GLU A 402 -23.50 -23.32 -12.48
C GLU A 402 -22.69 -24.52 -12.09
N GLY A 403 -22.08 -24.48 -10.91
CA GLY A 403 -21.27 -25.59 -10.45
C GLY A 403 -22.00 -26.84 -9.98
N PRO A 404 -21.27 -27.94 -9.75
CA PRO A 404 -21.84 -29.20 -9.28
C PRO A 404 -22.53 -29.00 -7.93
N THR A 405 -23.48 -29.89 -7.60
CA THR A 405 -24.16 -29.79 -6.34
C THR A 405 -24.07 -31.11 -5.62
N LEU A 406 -24.18 -31.07 -4.32
CA LEU A 406 -24.13 -32.29 -3.53
C LEU A 406 -25.50 -32.96 -3.55
N THR A 407 -25.52 -34.25 -3.29
CA THR A 407 -26.76 -34.99 -3.23
C THR A 407 -27.59 -34.39 -2.10
N GLU A 408 -28.90 -34.61 -2.11
CA GLU A 408 -29.74 -34.04 -1.06
C GLU A 408 -30.50 -35.10 -0.30
N PHE A 409 -30.95 -34.74 0.90
CA PHE A 409 -31.75 -35.67 1.69
C PHE A 409 -33.13 -35.79 1.03
N GLU A 410 -33.82 -36.88 1.31
CA GLU A 410 -35.15 -37.11 0.75
C GLU A 410 -36.09 -36.02 1.22
N ASP A 411 -37.13 -35.77 0.45
CA ASP A 411 -38.11 -34.75 0.83
C ASP A 411 -38.85 -35.24 2.05
N ALA A 412 -38.79 -34.44 3.12
CA ALA A 412 -39.44 -34.75 4.37
C ALA A 412 -40.88 -35.22 4.13
N GLY B 1 -34.71 6.07 -20.25
CA GLY B 1 -33.40 6.64 -19.77
C GLY B 1 -33.37 6.77 -18.26
N GLU B 2 -33.23 8.00 -17.77
CA GLU B 2 -33.19 8.29 -16.34
C GLU B 2 -34.63 8.48 -15.82
N THR B 3 -35.08 7.55 -14.97
CA THR B 3 -36.44 7.60 -14.44
C THR B 3 -36.69 8.66 -13.35
N LYS B 4 -37.94 8.77 -12.90
CA LYS B 4 -38.31 9.72 -11.86
C LYS B 4 -37.75 9.26 -10.53
N GLU B 5 -37.82 7.95 -10.26
CA GLU B 5 -37.31 7.36 -9.01
C GLU B 5 -35.80 7.55 -8.98
N ASP B 6 -35.19 7.39 -10.14
CA ASP B 6 -33.75 7.55 -10.29
C ASP B 6 -33.40 8.95 -9.92
N ILE B 7 -34.04 9.89 -10.61
CA ILE B 7 -33.81 11.28 -10.38
C ILE B 7 -34.08 11.69 -8.92
N ALA B 8 -35.22 11.24 -8.39
CA ALA B 8 -35.59 11.58 -7.05
C ALA B 8 -34.54 11.11 -6.04
N ARG B 9 -34.08 9.88 -6.21
CA ARG B 9 -33.10 9.31 -5.31
C ARG B 9 -31.75 10.01 -5.38
N LYS B 10 -31.26 10.17 -6.59
CA LYS B 10 -29.97 10.80 -6.77
C LYS B 10 -29.93 12.24 -6.29
N GLU B 11 -31.00 12.99 -6.53
CA GLU B 11 -31.06 14.38 -6.08
C GLU B 11 -30.97 14.43 -4.57
N GLN B 12 -31.59 13.45 -3.90
CA GLN B 12 -31.55 13.43 -2.46
C GLN B 12 -30.16 13.03 -1.97
N LEU B 13 -29.53 12.09 -2.66
CA LEU B 13 -28.18 11.65 -2.28
C LEU B 13 -27.18 12.82 -2.47
N LYS B 14 -27.36 13.60 -3.53
CA LYS B 14 -26.47 14.73 -3.77
C LYS B 14 -26.50 15.77 -2.66
N SER B 15 -27.61 15.85 -1.93
CA SER B 15 -27.68 16.82 -0.85
C SER B 15 -27.05 16.22 0.42
N LEU B 16 -26.80 14.91 0.38
CA LEU B 16 -26.18 14.25 1.50
C LEU B 16 -24.71 13.99 1.23
N LEU B 17 -24.20 14.54 0.13
CA LEU B 17 -22.78 14.36 -0.16
C LEU B 17 -22.02 14.80 1.10
N PRO B 18 -21.00 14.03 1.52
CA PRO B 18 -20.29 14.46 2.74
C PRO B 18 -19.39 15.68 2.45
N PRO B 19 -18.96 16.40 3.50
CA PRO B 19 -18.10 17.55 3.26
C PRO B 19 -16.82 17.17 2.54
N LEU B 20 -16.48 17.95 1.53
CA LEU B 20 -15.31 17.71 0.73
C LEU B 20 -14.06 17.36 1.49
N ASP B 21 -13.82 17.89 2.68
CA ASP B 21 -12.60 17.47 3.34
C ASP B 21 -12.72 16.25 4.21
N ASN B 22 -13.78 15.49 3.98
CA ASN B 22 -13.97 14.24 4.71
C ASN B 22 -13.57 13.12 3.73
N ILE B 23 -13.31 13.54 2.47
CA ILE B 23 -12.90 12.65 1.40
C ILE B 23 -11.45 12.27 1.66
N ILE B 24 -11.21 11.00 1.92
CA ILE B 24 -9.88 10.52 2.25
C ILE B 24 -9.02 10.06 1.07
N ASN B 25 -9.63 9.38 0.11
CA ASN B 25 -8.88 8.90 -1.03
C ASN B 25 -9.73 8.93 -2.29
N LEU B 26 -9.05 8.74 -3.41
CA LEU B 26 -9.65 8.75 -4.70
C LEU B 26 -10.87 7.81 -4.83
N TYR B 27 -10.85 6.65 -4.16
CA TYR B 27 -11.99 5.72 -4.23
C TYR B 27 -13.30 6.30 -3.69
N ASP B 28 -13.19 7.23 -2.73
CA ASP B 28 -14.35 7.87 -2.14
C ASP B 28 -15.12 8.67 -3.19
N PHE B 29 -14.42 9.35 -4.09
CA PHE B 29 -15.11 10.11 -5.14
C PHE B 29 -15.79 9.12 -6.08
N GLU B 30 -15.18 7.96 -6.25
CA GLU B 30 -15.74 6.96 -7.13
C GLU B 30 -17.03 6.39 -6.53
N TYR B 31 -17.02 6.09 -5.24
CA TYR B 31 -18.23 5.55 -4.65
C TYR B 31 -19.39 6.55 -4.72
N LEU B 32 -19.13 7.79 -4.35
CA LEU B 32 -20.15 8.83 -4.36
C LEU B 32 -20.67 9.02 -5.76
N ALA B 33 -19.76 9.08 -6.72
CA ALA B 33 -20.14 9.27 -8.11
C ALA B 33 -21.06 8.16 -8.58
N SER B 34 -20.71 6.93 -8.22
CA SER B 34 -21.46 5.74 -8.64
C SER B 34 -22.88 5.75 -8.12
N GLN B 35 -23.13 6.51 -7.07
CA GLN B 35 -24.47 6.57 -6.51
C GLN B 35 -25.22 7.81 -6.96
N THR B 36 -24.51 8.83 -7.47
CA THR B 36 -25.17 10.06 -7.86
C THR B 36 -25.27 10.38 -9.34
N LEU B 37 -24.34 9.89 -10.16
CA LEU B 37 -24.40 10.17 -11.59
C LEU B 37 -25.60 9.51 -12.24
N THR B 38 -25.96 9.98 -13.43
CA THR B 38 -27.06 9.38 -14.16
C THR B 38 -26.56 8.03 -14.68
N LYS B 39 -27.48 7.11 -14.93
CA LYS B 39 -27.10 5.81 -15.46
C LYS B 39 -26.17 6.01 -16.65
N GLN B 40 -26.60 6.86 -17.58
CA GLN B 40 -25.82 7.15 -18.77
C GLN B 40 -24.39 7.62 -18.48
N ALA B 41 -24.24 8.62 -17.61
CA ALA B 41 -22.91 9.14 -17.28
C ALA B 41 -22.04 8.09 -16.63
N TRP B 42 -22.58 7.43 -15.60
CA TRP B 42 -21.84 6.38 -14.89
C TRP B 42 -21.39 5.29 -15.85
N ALA B 43 -22.31 4.83 -16.68
CA ALA B 43 -21.98 3.78 -17.63
C ALA B 43 -20.92 4.25 -18.61
N TYR B 44 -21.03 5.51 -19.03
CA TYR B 44 -20.08 6.03 -19.99
C TYR B 44 -18.68 6.13 -19.42
N TYR B 45 -18.61 6.61 -18.18
CA TYR B 45 -17.34 6.82 -17.49
C TYR B 45 -16.68 5.59 -16.89
N SER B 46 -17.49 4.71 -16.33
CA SER B 46 -16.95 3.55 -15.64
C SER B 46 -16.68 2.32 -16.48
N SER B 47 -17.17 2.30 -17.71
CA SER B 47 -17.00 1.12 -18.52
C SER B 47 -15.69 0.95 -19.23
N GLY B 48 -15.42 -0.31 -19.59
CA GLY B 48 -14.23 -0.67 -20.30
C GLY B 48 -14.66 -1.59 -21.43
N ALA B 49 -13.72 -2.02 -22.26
CA ALA B 49 -14.06 -2.90 -23.37
C ALA B 49 -14.37 -4.34 -22.97
N ASN B 50 -15.39 -4.89 -23.60
CA ASN B 50 -15.80 -6.27 -23.39
C ASN B 50 -15.85 -6.72 -21.94
N ASP B 51 -15.02 -7.68 -21.57
CA ASP B 51 -15.05 -8.17 -20.19
C ASP B 51 -14.32 -7.27 -19.17
N GLU B 52 -13.76 -6.16 -19.66
CA GLU B 52 -13.08 -5.20 -18.78
C GLU B 52 -11.91 -5.84 -18.05
N VAL B 53 -11.24 -6.77 -18.69
CA VAL B 53 -10.13 -7.44 -18.02
C VAL B 53 -8.97 -6.49 -17.89
N THR B 54 -8.60 -5.84 -19.00
CA THR B 54 -7.49 -4.89 -19.00
C THR B 54 -7.77 -3.69 -18.08
N HIS B 55 -8.99 -3.16 -18.10
CA HIS B 55 -9.29 -2.05 -17.23
C HIS B 55 -8.81 -2.37 -15.81
N ARG B 56 -9.23 -3.51 -15.26
CA ARG B 56 -8.82 -3.91 -13.92
C ARG B 56 -7.33 -4.26 -13.88
N GLU B 57 -6.84 -5.03 -14.85
CA GLU B 57 -5.43 -5.39 -14.84
C GLU B 57 -4.51 -4.17 -14.79
N ASN B 58 -4.88 -3.07 -15.46
CA ASN B 58 -4.06 -1.86 -15.44
C ASN B 58 -3.72 -1.50 -14.00
N HIS B 59 -4.70 -1.58 -13.12
CA HIS B 59 -4.53 -1.26 -11.71
C HIS B 59 -3.82 -2.39 -10.94
N ASN B 60 -4.32 -3.61 -11.05
CA ASN B 60 -3.73 -4.71 -10.33
C ASN B 60 -2.25 -4.97 -10.58
N ALA B 61 -1.74 -4.70 -11.79
CA ALA B 61 -0.33 -4.95 -12.06
C ALA B 61 0.58 -4.13 -11.15
N TYR B 62 0.07 -3.00 -10.69
CA TYR B 62 0.89 -2.22 -9.78
C TYR B 62 1.18 -3.04 -8.50
N HIS B 63 0.31 -4.00 -8.20
CA HIS B 63 0.49 -4.77 -6.99
C HIS B 63 1.45 -5.93 -7.09
N ARG B 64 2.02 -6.09 -8.27
CA ARG B 64 3.01 -7.13 -8.50
C ARG B 64 4.38 -6.49 -8.21
N ILE B 65 4.36 -5.23 -7.78
CA ILE B 65 5.60 -4.54 -7.47
C ILE B 65 5.62 -4.10 -6.04
N PHE B 66 6.73 -4.37 -5.35
CA PHE B 66 6.90 -3.99 -3.98
C PHE B 66 8.08 -3.03 -3.80
N PHE B 67 8.16 -2.40 -2.63
CA PHE B 67 9.22 -1.43 -2.34
C PHE B 67 10.36 -1.98 -1.50
N LYS B 68 11.52 -1.38 -1.70
CA LYS B 68 12.74 -1.70 -0.97
C LYS B 68 13.20 -0.33 -0.49
N PRO B 69 12.48 0.24 0.49
CA PRO B 69 12.72 1.56 1.09
C PRO B 69 14.02 1.70 1.86
N LYS B 70 14.60 2.90 1.79
CA LYS B 70 15.83 3.23 2.50
C LYS B 70 15.44 3.85 3.84
N ILE B 71 16.14 3.49 4.91
CA ILE B 71 15.85 4.09 6.22
C ILE B 71 17.06 4.87 6.73
N LEU B 72 16.86 5.63 7.80
CA LEU B 72 17.92 6.47 8.38
C LEU B 72 18.42 7.47 7.36
N VAL B 73 17.48 8.06 6.62
CA VAL B 73 17.78 9.07 5.62
C VAL B 73 17.02 10.35 6.01
N ASP B 74 17.68 11.49 5.92
CA ASP B 74 17.06 12.76 6.27
C ASP B 74 15.95 13.05 5.26
N VAL B 75 14.70 12.87 5.68
CA VAL B 75 13.56 13.10 4.80
C VAL B 75 12.66 14.21 5.31
N ARG B 76 13.29 15.15 5.99
CA ARG B 76 12.60 16.33 6.51
C ARG B 76 11.98 17.08 5.33
N LYS B 77 12.76 17.26 4.28
CA LYS B 77 12.30 17.96 3.10
C LYS B 77 12.13 16.98 1.96
N VAL B 78 11.13 17.22 1.14
CA VAL B 78 10.82 16.37 0.00
C VAL B 78 10.32 17.22 -1.16
N ASP B 79 10.73 16.87 -2.37
CA ASP B 79 10.30 17.61 -3.54
C ASP B 79 9.75 16.72 -4.65
N ILE B 80 8.46 16.86 -4.95
CA ILE B 80 7.89 16.02 -5.99
C ILE B 80 7.65 16.75 -7.31
N SER B 81 8.33 17.88 -7.48
CA SER B 81 8.16 18.62 -8.71
C SER B 81 9.05 17.96 -9.77
N THR B 82 8.76 18.22 -11.03
CA THR B 82 9.54 17.64 -12.10
C THR B 82 9.30 18.45 -13.37
N ASP B 83 9.72 17.91 -14.50
N ASP B 83 9.76 17.93 -14.49
CA ASP B 83 9.57 18.60 -15.76
CA ASP B 83 9.59 18.61 -15.77
C ASP B 83 8.96 17.65 -16.77
C ASP B 83 8.96 17.66 -16.78
N MET B 84 8.02 18.17 -17.56
CA MET B 84 7.35 17.36 -18.57
C MET B 84 7.22 18.16 -19.85
N LEU B 85 7.60 17.56 -20.98
CA LEU B 85 7.50 18.23 -22.28
C LEU B 85 8.02 19.67 -22.26
N GLY B 86 9.16 19.87 -21.61
CA GLY B 86 9.75 21.19 -21.54
C GLY B 86 9.24 22.16 -20.48
N SER B 87 8.16 21.81 -19.76
CA SER B 87 7.62 22.70 -18.73
C SER B 87 7.84 22.16 -17.31
N HIS B 88 8.08 23.06 -16.37
CA HIS B 88 8.25 22.66 -14.98
C HIS B 88 6.86 22.48 -14.39
N VAL B 89 6.66 21.39 -13.67
CA VAL B 89 5.37 21.10 -13.07
C VAL B 89 5.54 20.79 -11.58
N ASP B 90 4.55 21.17 -10.78
CA ASP B 90 4.62 20.97 -9.35
C ASP B 90 4.53 19.55 -8.88
N VAL B 91 3.93 18.70 -9.71
CA VAL B 91 3.72 17.30 -9.40
C VAL B 91 4.09 16.37 -10.54
N PRO B 92 4.30 15.08 -10.24
CA PRO B 92 4.67 14.10 -11.26
C PRO B 92 3.46 13.47 -11.96
N PHE B 93 2.28 14.04 -11.78
CA PHE B 93 1.11 13.47 -12.43
C PHE B 93 0.30 14.50 -13.24
N TYR B 94 -0.76 14.03 -13.91
CA TYR B 94 -1.58 14.93 -14.70
C TYR B 94 -2.98 14.40 -14.97
N VAL B 95 -3.85 15.27 -15.44
CA VAL B 95 -5.21 14.86 -15.74
C VAL B 95 -5.25 14.45 -17.20
N SER B 96 -5.52 13.18 -17.45
CA SER B 96 -5.59 12.71 -18.82
C SER B 96 -6.91 13.14 -19.45
N ALA B 97 -6.91 13.21 -20.78
CA ALA B 97 -8.10 13.61 -21.54
C ALA B 97 -9.29 12.71 -21.31
N THR B 98 -10.44 13.32 -21.06
CA THR B 98 -11.67 12.57 -20.87
C THR B 98 -12.81 13.31 -21.58
N ALA B 99 -13.26 12.75 -22.69
CA ALA B 99 -14.35 13.34 -23.46
C ALA B 99 -15.67 13.44 -22.67
N LEU B 100 -16.56 14.32 -23.13
CA LEU B 100 -17.86 14.51 -22.52
C LEU B 100 -17.92 14.68 -20.99
N CYS B 101 -17.10 15.58 -20.45
CA CYS B 101 -17.12 15.84 -19.00
C CYS B 101 -18.45 16.45 -18.52
N LYS B 102 -19.23 17.00 -19.45
CA LYS B 102 -20.52 17.60 -19.06
C LYS B 102 -21.55 16.53 -18.68
N LEU B 103 -21.24 15.26 -18.97
CA LEU B 103 -22.14 14.16 -18.62
C LEU B 103 -22.23 14.07 -17.10
N GLY B 104 -21.08 14.25 -16.43
CA GLY B 104 -21.03 14.21 -14.98
C GLY B 104 -21.15 15.59 -14.35
N ASN B 105 -20.78 16.63 -15.10
CA ASN B 105 -20.84 18.03 -14.66
C ASN B 105 -21.48 18.83 -15.80
N PRO B 106 -22.83 18.88 -15.85
CA PRO B 106 -23.57 19.59 -16.90
C PRO B 106 -23.29 21.08 -17.12
N LEU B 107 -23.06 21.82 -16.03
CA LEU B 107 -22.84 23.25 -16.14
C LEU B 107 -21.44 23.68 -16.52
N GLU B 108 -20.44 23.12 -15.86
CA GLU B 108 -19.06 23.48 -16.12
C GLU B 108 -18.22 22.54 -16.99
N GLY B 109 -18.54 21.24 -16.99
CA GLY B 109 -17.75 20.31 -17.79
C GLY B 109 -16.24 20.40 -17.57
N GLU B 110 -15.50 20.47 -18.68
CA GLU B 110 -14.04 20.54 -18.61
C GLU B 110 -13.51 21.85 -18.01
N LYS B 111 -14.30 22.92 -18.09
CA LYS B 111 -13.90 24.22 -17.55
C LYS B 111 -13.64 24.07 -16.04
N ASP B 112 -14.37 23.16 -15.42
CA ASP B 112 -14.20 22.94 -14.00
C ASP B 112 -12.96 22.11 -13.69
N VAL B 113 -12.50 21.25 -14.60
CA VAL B 113 -11.28 20.52 -14.23
C VAL B 113 -10.10 21.48 -14.41
N ALA B 114 -10.25 22.44 -15.32
CA ALA B 114 -9.20 23.45 -15.57
C ALA B 114 -9.05 24.34 -14.33
N ARG B 115 -10.17 24.81 -13.79
CA ARG B 115 -10.11 25.64 -12.61
C ARG B 115 -9.51 24.85 -11.46
N GLY B 116 -9.89 23.57 -11.36
CA GLY B 116 -9.39 22.70 -10.32
C GLY B 116 -7.89 22.51 -10.37
N CYS B 117 -7.34 22.38 -11.58
CA CYS B 117 -5.91 22.21 -11.75
C CYS B 117 -5.04 23.42 -11.45
N GLY B 118 -5.62 24.63 -11.47
CA GLY B 118 -4.84 25.82 -11.20
C GLY B 118 -5.27 26.72 -10.03
N GLN B 119 -6.45 26.48 -9.47
CA GLN B 119 -6.93 27.34 -8.39
C GLN B 119 -6.24 27.18 -7.05
N GLY B 120 -5.53 26.07 -6.88
CA GLY B 120 -4.84 25.84 -5.62
C GLY B 120 -3.36 26.11 -5.76
N VAL B 121 -2.61 25.83 -4.68
CA VAL B 121 -1.16 26.01 -4.68
C VAL B 121 -0.44 25.02 -5.61
N THR B 122 -1.11 23.93 -5.98
CA THR B 122 -0.50 22.94 -6.85
C THR B 122 -1.13 22.98 -8.23
N LYS B 123 -0.34 23.41 -9.20
CA LYS B 123 -0.78 23.55 -10.58
C LYS B 123 -0.46 22.25 -11.31
N VAL B 124 -1.51 21.59 -11.79
CA VAL B 124 -1.37 20.33 -12.48
C VAL B 124 -1.73 20.39 -13.96
N PRO B 125 -0.90 19.77 -14.82
CA PRO B 125 -1.14 19.76 -16.27
C PRO B 125 -2.48 19.12 -16.56
N GLN B 126 -3.22 19.69 -17.51
CA GLN B 126 -4.52 19.17 -17.89
C GLN B 126 -4.55 18.85 -19.37
N MET B 127 -4.85 17.60 -19.71
CA MET B 127 -4.89 17.23 -21.12
C MET B 127 -6.34 17.37 -21.55
N ILE B 128 -6.56 18.18 -22.58
CA ILE B 128 -7.89 18.46 -23.10
C ILE B 128 -8.29 17.58 -24.27
N SER B 129 -9.39 16.85 -24.11
CA SER B 129 -9.86 15.95 -25.15
C SER B 129 -10.44 16.67 -26.38
N THR B 130 -10.27 16.01 -27.52
CA THR B 130 -10.78 16.49 -28.81
C THR B 130 -12.30 16.43 -28.73
N LEU B 131 -12.79 15.35 -28.13
CA LEU B 131 -14.23 15.11 -27.95
C LEU B 131 -14.79 15.72 -26.67
N ALA B 132 -14.15 16.76 -26.15
CA ALA B 132 -14.63 17.41 -24.94
C ALA B 132 -16.02 18.02 -25.16
N SER B 133 -16.74 18.26 -24.07
CA SER B 133 -18.07 18.87 -24.15
C SER B 133 -17.91 20.36 -24.48
N CYS B 134 -17.00 21.01 -23.74
CA CYS B 134 -16.72 22.42 -23.94
C CYS B 134 -15.80 22.62 -25.14
N SER B 135 -15.70 23.86 -25.57
CA SER B 135 -14.85 24.21 -26.71
C SER B 135 -13.41 24.42 -26.22
N PRO B 136 -12.43 24.26 -27.11
CA PRO B 136 -11.04 24.48 -26.70
C PRO B 136 -10.92 25.84 -26.05
N GLU B 137 -11.34 26.88 -26.78
CA GLU B 137 -11.28 28.26 -26.30
C GLU B 137 -11.73 28.40 -24.85
N GLU B 138 -12.98 28.01 -24.58
CA GLU B 138 -13.50 28.15 -23.22
C GLU B 138 -12.80 27.35 -22.16
N ILE B 139 -12.25 26.20 -22.53
CA ILE B 139 -11.55 25.39 -21.53
C ILE B 139 -10.22 26.07 -21.18
N ILE B 140 -9.50 26.56 -22.19
CA ILE B 140 -8.22 27.25 -21.96
C ILE B 140 -8.42 28.60 -21.27
N GLU B 141 -9.52 29.26 -21.62
CA GLU B 141 -9.84 30.57 -21.05
C GLU B 141 -10.22 30.42 -19.57
N ALA B 142 -10.73 29.25 -19.21
CA ALA B 142 -11.12 28.98 -17.84
C ALA B 142 -9.94 28.78 -16.88
N ALA B 143 -8.76 28.50 -17.44
CA ALA B 143 -7.54 28.29 -16.64
C ALA B 143 -7.30 29.54 -15.80
N PRO B 144 -7.32 29.42 -14.44
CA PRO B 144 -7.11 30.55 -13.53
C PRO B 144 -5.68 31.02 -13.28
N SER B 145 -4.70 30.19 -13.63
CA SER B 145 -3.31 30.54 -13.42
C SER B 145 -2.57 30.52 -14.74
N ASP B 146 -1.69 31.49 -14.92
CA ASP B 146 -0.91 31.56 -16.13
C ASP B 146 0.23 30.54 -16.08
N LYS B 147 0.53 30.09 -14.87
CA LYS B 147 1.58 29.11 -14.62
C LYS B 147 1.11 27.69 -14.93
N GLN B 148 -0.20 27.45 -14.92
CA GLN B 148 -0.68 26.09 -15.20
C GLN B 148 -0.58 25.80 -16.71
N ILE B 149 -0.29 24.55 -17.03
CA ILE B 149 -0.15 24.18 -18.42
C ILE B 149 -1.28 23.27 -18.87
N GLN B 150 -1.57 23.34 -20.15
CA GLN B 150 -2.62 22.54 -20.73
C GLN B 150 -2.13 21.85 -22.00
N TRP B 151 -2.54 20.60 -22.19
CA TRP B 151 -2.14 19.84 -23.38
C TRP B 151 -3.38 19.51 -24.21
N TYR B 152 -3.19 19.42 -25.51
CA TYR B 152 -4.32 19.09 -26.34
C TYR B 152 -4.21 17.68 -26.87
N GLN B 153 -5.23 16.87 -26.61
CA GLN B 153 -5.25 15.50 -27.09
C GLN B 153 -5.99 15.57 -28.40
N LEU B 154 -5.40 15.00 -29.41
CA LEU B 154 -5.94 15.07 -30.75
C LEU B 154 -6.31 13.73 -31.37
N TYR B 155 -7.43 13.72 -32.09
CA TYR B 155 -7.86 12.57 -32.87
C TYR B 155 -7.73 13.11 -34.28
N VAL B 156 -7.03 12.40 -35.16
CA VAL B 156 -6.90 12.89 -36.52
C VAL B 156 -8.15 12.54 -37.29
N ASN B 157 -8.75 13.56 -37.89
CA ASN B 157 -9.97 13.40 -38.65
C ASN B 157 -9.70 12.89 -40.07
N SER B 158 -10.68 12.20 -40.65
CA SER B 158 -10.56 11.70 -42.03
C SER B 158 -10.36 12.93 -42.91
N ASP B 159 -10.95 14.04 -42.47
CA ASP B 159 -10.84 15.32 -43.16
C ASP B 159 -9.65 16.04 -42.54
N ARG B 160 -8.47 15.85 -43.12
CA ARG B 160 -7.28 16.45 -42.56
C ARG B 160 -7.29 17.96 -42.42
N LYS B 161 -8.10 18.64 -43.23
CA LYS B 161 -8.15 20.09 -43.12
C LYS B 161 -8.65 20.47 -41.73
N ILE B 162 -9.71 19.79 -41.29
CA ILE B 162 -10.29 20.04 -39.97
C ILE B 162 -9.21 19.92 -38.89
N THR B 163 -8.37 18.89 -39.02
CA THR B 163 -7.29 18.63 -38.06
C THR B 163 -6.21 19.72 -38.17
N ASP B 164 -5.75 19.99 -39.39
CA ASP B 164 -4.72 21.00 -39.55
C ASP B 164 -5.15 22.32 -38.93
N ASP B 165 -6.41 22.67 -39.13
CA ASP B 165 -6.92 23.92 -38.59
C ASP B 165 -7.00 23.86 -37.08
N LEU B 166 -7.52 22.76 -36.54
CA LEU B 166 -7.66 22.61 -35.10
C LEU B 166 -6.30 22.73 -34.43
N VAL B 167 -5.26 22.23 -35.10
CA VAL B 167 -3.91 22.30 -34.55
C VAL B 167 -3.43 23.74 -34.51
N LYS B 168 -3.60 24.47 -35.61
CA LYS B 168 -3.19 25.87 -35.65
C LYS B 168 -3.95 26.59 -34.53
N ASN B 169 -5.22 26.26 -34.39
CA ASN B 169 -6.05 26.89 -33.39
C ASN B 169 -5.57 26.64 -31.96
N VAL B 170 -5.42 25.38 -31.55
CA VAL B 170 -4.98 25.12 -30.17
C VAL B 170 -3.58 25.64 -29.93
N GLU B 171 -2.75 25.64 -30.98
CA GLU B 171 -1.39 26.15 -30.86
C GLU B 171 -1.48 27.66 -30.59
N LYS B 172 -2.37 28.35 -31.32
CA LYS B 172 -2.56 29.79 -31.13
C LYS B 172 -3.05 30.02 -29.71
N LEU B 173 -3.97 29.16 -29.25
CA LEU B 173 -4.55 29.26 -27.90
C LEU B 173 -3.55 29.04 -26.77
N GLY B 174 -2.39 28.47 -27.09
CA GLY B 174 -1.38 28.30 -26.06
C GLY B 174 -1.15 26.95 -25.41
N VAL B 175 -1.70 25.87 -25.94
CA VAL B 175 -1.46 24.55 -25.34
C VAL B 175 0.03 24.24 -25.53
N LYS B 176 0.62 23.58 -24.53
CA LYS B 176 2.03 23.24 -24.56
C LYS B 176 2.42 21.98 -25.33
N ALA B 177 1.46 21.16 -25.71
CA ALA B 177 1.79 19.93 -26.44
C ALA B 177 0.62 19.28 -27.12
N LEU B 178 0.93 18.40 -28.07
CA LEU B 178 -0.10 17.65 -28.78
C LEU B 178 0.04 16.18 -28.48
N PHE B 179 -1.00 15.57 -27.88
CA PHE B 179 -0.98 14.14 -27.62
C PHE B 179 -1.89 13.53 -28.70
N VAL B 180 -1.35 12.83 -29.69
CA VAL B 180 -2.23 12.25 -30.70
C VAL B 180 -2.52 10.79 -30.33
N THR B 181 -3.81 10.51 -30.13
CA THR B 181 -4.26 9.20 -29.71
C THR B 181 -4.30 8.22 -30.86
N VAL B 182 -3.63 7.08 -30.68
CA VAL B 182 -3.58 6.07 -31.71
C VAL B 182 -4.16 4.70 -31.33
N ASP B 183 -4.80 4.59 -30.16
CA ASP B 183 -5.37 3.32 -29.74
C ASP B 183 -6.85 3.23 -29.98
N ALA B 184 -7.41 4.16 -30.73
CA ALA B 184 -8.84 4.13 -30.97
C ALA B 184 -9.23 4.34 -32.42
N PRO B 185 -8.51 3.67 -33.34
CA PRO B 185 -8.83 3.80 -34.76
C PRO B 185 -10.27 3.37 -34.99
N SER B 186 -10.77 2.59 -34.03
CA SER B 186 -12.13 2.07 -34.02
C SER B 186 -12.61 2.16 -32.55
N LEU B 187 -13.91 2.30 -32.33
CA LEU B 187 -14.42 2.42 -30.96
C LEU B 187 -14.56 1.09 -30.26
N GLY B 188 -14.02 0.98 -29.05
CA GLY B 188 -14.13 -0.27 -28.32
C GLY B 188 -15.58 -0.54 -27.92
N GLN B 189 -15.90 -1.77 -27.60
CA GLN B 189 -17.26 -2.10 -27.20
C GLN B 189 -17.47 -1.98 -25.68
N ARG B 190 -18.05 -0.87 -25.21
CA ARG B 190 -18.30 -0.72 -23.77
C ARG B 190 -19.72 -1.25 -23.57
N GLU B 191 -19.83 -2.50 -23.14
CA GLU B 191 -21.14 -3.10 -22.98
C GLU B 191 -22.09 -2.49 -21.94
N LYS B 192 -21.58 -1.92 -20.85
CA LYS B 192 -22.46 -1.31 -19.84
C LYS B 192 -23.22 -0.17 -20.53
N ASP B 193 -22.49 0.52 -21.40
CA ASP B 193 -22.95 1.65 -22.20
C ASP B 193 -24.06 1.17 -23.14
N MET B 194 -23.77 0.09 -23.85
CA MET B 194 -24.70 -0.48 -24.81
C MET B 194 -26.02 -0.96 -24.22
N LYS B 195 -25.99 -1.58 -23.04
CA LYS B 195 -27.22 -2.07 -22.43
C LYS B 195 -28.20 -0.92 -22.22
N LEU B 196 -27.68 0.23 -21.83
CA LEU B 196 -28.52 1.39 -21.59
C LEU B 196 -29.27 1.79 -22.84
N LYS B 197 -28.61 1.76 -23.97
CA LYS B 197 -29.26 2.16 -25.21
C LYS B 197 -30.30 1.15 -25.71
N PHE B 198 -30.99 0.48 -24.78
CA PHE B 198 -32.04 -0.50 -25.11
C PHE B 198 -33.32 -0.13 -24.34
N ALA B 219 -19.37 -5.04 -38.63
CA ALA B 219 -18.55 -4.39 -37.63
C ALA B 219 -18.03 -3.01 -38.08
N SER B 220 -18.49 -2.54 -39.24
CA SER B 220 -18.08 -1.24 -39.75
C SER B 220 -18.75 -0.11 -38.97
N ARG B 221 -19.62 -0.50 -38.04
CA ARG B 221 -20.35 0.44 -37.20
C ARG B 221 -19.44 1.05 -36.13
N ALA B 222 -18.31 0.41 -35.87
CA ALA B 222 -17.37 0.88 -34.86
C ALA B 222 -16.42 1.95 -35.42
N LEU B 223 -16.54 2.20 -36.71
CA LEU B 223 -15.71 3.20 -37.38
C LEU B 223 -16.52 4.48 -37.64
N SER B 224 -15.98 5.62 -37.19
CA SER B 224 -16.62 6.92 -37.41
C SER B 224 -15.63 7.73 -38.25
N LYS B 225 -16.12 8.57 -39.15
CA LYS B 225 -15.22 9.36 -39.99
C LYS B 225 -14.50 10.42 -39.17
N PHE B 226 -14.90 10.56 -37.91
CA PHE B 226 -14.27 11.53 -37.01
C PHE B 226 -12.83 11.11 -36.67
N ILE B 227 -12.66 9.86 -36.27
CA ILE B 227 -11.36 9.33 -35.94
C ILE B 227 -10.96 8.44 -37.12
N ASP B 228 -9.98 8.91 -37.90
CA ASP B 228 -9.50 8.24 -39.10
C ASP B 228 -8.74 6.93 -38.81
N PRO B 229 -9.33 5.77 -39.14
CA PRO B 229 -8.71 4.46 -38.91
C PRO B 229 -7.51 4.19 -39.81
N SER B 230 -7.21 5.13 -40.70
CA SER B 230 -6.09 4.95 -41.60
C SER B 230 -4.80 5.65 -41.18
N LEU B 231 -4.79 6.29 -39.99
CA LEU B 231 -3.58 6.95 -39.48
C LEU B 231 -2.36 5.99 -39.45
N THR B 232 -1.22 6.47 -39.93
CA THR B 232 0.01 5.66 -39.92
C THR B 232 1.17 6.52 -39.45
N TRP B 233 2.34 5.90 -39.36
CA TRP B 233 3.53 6.61 -38.91
C TRP B 233 3.87 7.80 -39.81
N LYS B 234 3.68 7.62 -41.11
CA LYS B 234 3.96 8.67 -42.08
C LYS B 234 3.18 9.89 -41.69
N ASP B 235 1.90 9.70 -41.38
CA ASP B 235 1.05 10.80 -40.98
C ASP B 235 1.63 11.53 -39.80
N ILE B 236 2.19 10.81 -38.85
CA ILE B 236 2.75 11.49 -37.70
C ILE B 236 3.98 12.27 -38.12
N GLU B 237 4.79 11.68 -38.99
CA GLU B 237 5.98 12.34 -39.46
C GLU B 237 5.64 13.68 -40.09
N GLU B 238 4.57 13.72 -40.85
CA GLU B 238 4.14 14.96 -41.49
C GLU B 238 3.58 15.97 -40.50
N LEU B 239 2.87 15.48 -39.49
CA LEU B 239 2.31 16.35 -38.47
C LEU B 239 3.47 17.04 -37.76
N LYS B 240 4.58 16.32 -37.62
CA LYS B 240 5.74 16.85 -36.95
C LYS B 240 6.25 18.11 -37.66
N LYS B 241 6.05 18.15 -38.96
CA LYS B 241 6.49 19.27 -39.77
C LYS B 241 5.53 20.45 -39.74
N LYS B 242 4.24 20.19 -39.54
CA LYS B 242 3.23 21.25 -39.53
C LYS B 242 3.08 21.96 -38.19
N THR B 243 3.83 21.56 -37.17
CA THR B 243 3.69 22.23 -35.87
C THR B 243 4.99 22.30 -35.11
N LYS B 244 5.06 23.24 -34.17
CA LYS B 244 6.26 23.44 -33.38
C LYS B 244 6.04 22.85 -31.99
N LEU B 245 4.79 22.46 -31.72
CA LEU B 245 4.45 21.87 -30.44
C LEU B 245 5.02 20.48 -30.30
N PRO B 246 5.47 20.13 -29.10
CA PRO B 246 6.02 18.78 -28.95
C PRO B 246 4.85 17.82 -29.26
N ILE B 247 5.15 16.68 -29.85
CA ILE B 247 4.15 15.68 -30.17
C ILE B 247 4.39 14.42 -29.34
N VAL B 248 3.30 13.87 -28.80
CA VAL B 248 3.38 12.67 -27.99
C VAL B 248 2.37 11.67 -28.53
N ILE B 249 2.82 10.43 -28.76
CA ILE B 249 1.92 9.42 -29.29
C ILE B 249 1.28 8.69 -28.11
N LYS B 250 -0.01 8.96 -27.94
CA LYS B 250 -0.79 8.42 -26.86
C LYS B 250 -1.52 7.13 -27.20
N GLY B 251 -1.13 6.05 -26.51
CA GLY B 251 -1.77 4.77 -26.72
C GLY B 251 -0.87 3.65 -27.18
N VAL B 252 0.42 3.76 -26.87
CA VAL B 252 1.39 2.74 -27.27
C VAL B 252 1.27 1.55 -26.32
N GLN B 253 1.33 0.35 -26.87
CA GLN B 253 1.14 -0.84 -26.08
C GLN B 253 2.18 -1.95 -26.21
N ARG B 254 3.26 -1.68 -26.93
CA ARG B 254 4.30 -2.68 -27.13
C ARG B 254 5.61 -1.91 -27.29
N THR B 255 6.71 -2.57 -26.93
CA THR B 255 8.02 -1.94 -27.04
C THR B 255 8.43 -1.55 -28.46
N GLU B 256 8.08 -2.35 -29.45
CA GLU B 256 8.44 -2.02 -30.84
C GLU B 256 7.96 -0.64 -31.25
N ASP B 257 6.76 -0.26 -30.79
CA ASP B 257 6.23 1.05 -31.13
C ASP B 257 6.83 2.20 -30.35
N VAL B 258 7.43 1.91 -29.20
CA VAL B 258 8.07 2.98 -28.46
C VAL B 258 9.32 3.32 -29.26
N ILE B 259 10.02 2.27 -29.72
CA ILE B 259 11.23 2.41 -30.52
C ILE B 259 10.94 3.14 -31.84
N LYS B 260 9.83 2.81 -32.51
CA LYS B 260 9.49 3.51 -33.74
C LYS B 260 9.26 4.99 -33.44
N ALA B 261 8.56 5.28 -32.34
CA ALA B 261 8.31 6.68 -31.98
C ALA B 261 9.63 7.43 -31.77
N ALA B 262 10.54 6.81 -31.03
CA ALA B 262 11.82 7.44 -30.79
C ALA B 262 12.53 7.65 -32.12
N GLU B 263 12.41 6.70 -33.05
CA GLU B 263 13.12 6.84 -34.32
C GLU B 263 12.59 7.91 -35.24
N ILE B 264 11.28 8.20 -35.20
CA ILE B 264 10.76 9.27 -36.04
C ILE B 264 10.88 10.62 -35.31
N GLY B 265 11.46 10.58 -34.12
CA GLY B 265 11.68 11.81 -33.38
C GLY B 265 10.57 12.55 -32.66
N VAL B 266 9.44 11.92 -32.37
CA VAL B 266 8.42 12.68 -31.65
C VAL B 266 8.96 12.91 -30.23
N SER B 267 8.27 13.72 -29.43
CA SER B 267 8.76 14.02 -28.08
C SER B 267 8.55 12.96 -27.00
N GLY B 268 7.54 12.12 -27.18
CA GLY B 268 7.29 11.09 -26.19
C GLY B 268 6.11 10.22 -26.57
N VAL B 269 5.79 9.28 -25.67
CA VAL B 269 4.66 8.43 -25.90
C VAL B 269 4.02 8.25 -24.56
N VAL B 270 2.77 7.83 -24.56
CA VAL B 270 2.16 7.50 -23.32
C VAL B 270 1.76 6.05 -23.52
N LEU B 271 2.36 5.21 -22.68
CA LEU B 271 2.11 3.77 -22.64
C LEU B 271 0.68 3.73 -22.10
N SER B 272 -0.26 3.35 -22.95
CA SER B 272 -1.66 3.34 -22.54
C SER B 272 -2.54 2.46 -23.41
N ASN B 273 -3.70 2.10 -22.87
CA ASN B 273 -4.67 1.30 -23.61
C ASN B 273 -6.05 1.93 -23.46
N HIS B 274 -6.07 3.25 -23.28
CA HIS B 274 -7.32 3.98 -23.17
C HIS B 274 -8.11 3.58 -21.92
N GLY B 275 -7.41 3.34 -20.83
CA GLY B 275 -8.09 2.95 -19.60
C GLY B 275 -8.90 1.69 -19.79
N GLY B 276 -8.38 0.74 -20.57
CA GLY B 276 -9.07 -0.52 -20.80
C GLY B 276 -10.35 -0.40 -21.60
N ARG B 277 -10.50 0.71 -22.33
CA ARG B 277 -11.70 0.96 -23.10
C ARG B 277 -11.60 0.55 -24.56
N GLN B 278 -10.46 0.02 -24.95
CA GLN B 278 -10.27 -0.39 -26.33
C GLN B 278 -10.05 -1.90 -26.54
N LEU B 279 -8.82 -2.35 -26.71
CA LEU B 279 -8.56 -3.77 -26.90
C LEU B 279 -8.53 -4.45 -25.54
N ASP B 280 -9.41 -5.42 -25.32
CA ASP B 280 -9.34 -6.12 -24.05
C ASP B 280 -8.17 -7.11 -24.19
N PHE B 281 -7.41 -7.22 -23.11
CA PHE B 281 -6.25 -8.07 -23.01
C PHE B 281 -4.99 -7.41 -23.46
N SER B 282 -5.03 -6.09 -23.48
CA SER B 282 -3.83 -5.33 -23.77
C SER B 282 -3.19 -5.40 -22.36
N ARG B 283 -1.87 -5.33 -22.24
CA ARG B 283 -1.27 -5.44 -20.92
C ARG B 283 -1.31 -4.16 -20.12
N ALA B 284 -1.02 -4.32 -18.83
CA ALA B 284 -0.95 -3.20 -17.90
C ALA B 284 0.20 -2.30 -18.35
N PRO B 285 -0.08 -1.02 -18.61
CA PRO B 285 1.00 -0.13 -19.04
C PRO B 285 2.22 -0.17 -18.14
N ILE B 286 2.01 -0.39 -16.84
CA ILE B 286 3.16 -0.39 -15.94
C ILE B 286 4.10 -1.51 -16.32
N GLU B 287 3.53 -2.62 -16.80
CA GLU B 287 4.32 -3.77 -17.17
C GLU B 287 5.09 -3.51 -18.46
N VAL B 288 4.41 -2.84 -19.38
CA VAL B 288 5.01 -2.50 -20.65
C VAL B 288 6.12 -1.49 -20.39
N LEU B 289 5.90 -0.62 -19.40
CA LEU B 289 6.94 0.35 -19.06
C LEU B 289 8.20 -0.36 -18.53
N ALA B 290 8.01 -1.34 -17.64
CA ALA B 290 9.11 -2.06 -17.05
C ALA B 290 9.96 -2.76 -18.09
N GLU B 291 9.30 -3.28 -19.12
CA GLU B 291 9.99 -3.97 -20.19
C GLU B 291 10.69 -2.99 -21.12
N THR B 292 10.03 -1.86 -21.38
CA THR B 292 10.52 -0.87 -22.32
C THR B 292 11.75 -0.04 -21.97
N MET B 293 11.77 0.59 -20.80
CA MET B 293 12.93 1.43 -20.53
C MET B 293 14.27 0.72 -20.66
N PRO B 294 14.41 -0.51 -20.14
CA PRO B 294 15.74 -1.09 -20.32
C PRO B 294 16.08 -1.30 -21.79
N ILE B 295 15.09 -1.65 -22.60
CA ILE B 295 15.33 -1.87 -24.02
C ILE B 295 15.71 -0.58 -24.70
N LEU B 296 15.11 0.53 -24.29
CA LEU B 296 15.44 1.81 -24.91
C LEU B 296 16.93 2.07 -24.70
N GLU B 297 17.42 1.77 -23.51
CA GLU B 297 18.85 1.96 -23.22
C GLU B 297 19.71 1.08 -24.12
N GLN B 298 19.38 -0.20 -24.21
CA GLN B 298 20.14 -1.12 -25.04
C GLN B 298 20.20 -0.63 -26.49
N ARG B 299 19.12 -0.03 -26.97
CA ARG B 299 19.06 0.45 -28.34
C ARG B 299 19.67 1.82 -28.50
N ASN B 300 20.31 2.29 -27.45
CA ASN B 300 20.97 3.60 -27.49
C ASN B 300 19.96 4.68 -27.77
N LEU B 301 18.84 4.63 -27.06
CA LEU B 301 17.75 5.61 -27.23
C LEU B 301 17.36 6.22 -25.89
N LYS B 302 18.20 6.01 -24.89
CA LYS B 302 17.97 6.52 -23.54
C LYS B 302 17.66 8.01 -23.58
N ASP B 303 16.55 8.40 -22.96
CA ASP B 303 16.19 9.82 -22.92
C ASP B 303 15.84 10.49 -24.26
N LYS B 304 15.81 9.75 -25.35
CA LYS B 304 15.45 10.41 -26.59
C LYS B 304 13.94 10.72 -26.53
N LEU B 305 13.25 9.96 -25.72
CA LEU B 305 11.81 10.06 -25.60
C LEU B 305 11.40 10.28 -24.17
N GLU B 306 10.26 10.92 -23.98
CA GLU B 306 9.72 11.10 -22.64
C GLU B 306 8.55 10.11 -22.62
N VAL B 307 8.58 9.18 -21.65
CA VAL B 307 7.55 8.13 -21.55
C VAL B 307 6.57 8.31 -20.39
N PHE B 308 5.29 8.39 -20.72
CA PHE B 308 4.25 8.57 -19.74
C PHE B 308 3.43 7.29 -19.65
N VAL B 309 2.70 7.11 -18.55
CA VAL B 309 1.82 5.92 -18.45
C VAL B 309 0.53 6.35 -17.79
N ASP B 310 -0.54 5.63 -18.10
CA ASP B 310 -1.82 5.92 -17.48
C ASP B 310 -2.56 4.60 -17.32
N GLY B 311 -3.73 4.64 -16.71
CA GLY B 311 -4.49 3.42 -16.52
C GLY B 311 -4.41 2.82 -15.13
N GLY B 312 -5.55 2.82 -14.43
CA GLY B 312 -5.64 2.24 -13.10
C GLY B 312 -4.81 2.82 -11.99
N VAL B 313 -4.28 4.02 -12.17
CA VAL B 313 -3.49 4.63 -11.14
C VAL B 313 -4.46 5.24 -10.14
N ARG B 314 -4.36 4.84 -8.89
CA ARG B 314 -5.30 5.35 -7.89
C ARG B 314 -4.67 5.80 -6.56
N ARG B 315 -3.42 5.41 -6.34
CA ARG B 315 -2.71 5.75 -5.12
C ARG B 315 -1.36 6.34 -5.45
N GLY B 316 -0.88 7.18 -4.53
CA GLY B 316 0.42 7.79 -4.72
C GLY B 316 1.50 6.72 -4.96
N THR B 317 1.44 5.61 -4.23
CA THR B 317 2.45 4.57 -4.43
C THR B 317 2.40 4.02 -5.85
N ASP B 318 1.23 4.06 -6.49
CA ASP B 318 1.15 3.57 -7.89
C ASP B 318 2.07 4.50 -8.69
N VAL B 319 1.87 5.80 -8.51
CA VAL B 319 2.68 6.82 -9.18
C VAL B 319 4.18 6.60 -8.89
N LEU B 320 4.55 6.45 -7.62
CA LEU B 320 5.96 6.26 -7.30
C LEU B 320 6.56 5.08 -8.06
N LYS B 321 5.83 3.97 -8.13
CA LYS B 321 6.35 2.84 -8.84
C LYS B 321 6.58 3.23 -10.31
N ALA B 322 5.60 3.85 -10.96
CA ALA B 322 5.81 4.26 -12.35
C ALA B 322 7.06 5.14 -12.51
N LEU B 323 7.22 6.10 -11.59
CA LEU B 323 8.35 6.99 -11.63
C LEU B 323 9.66 6.22 -11.43
N CYS B 324 9.71 5.29 -10.49
CA CYS B 324 10.94 4.52 -10.26
C CYS B 324 11.31 3.71 -11.50
N LEU B 325 10.32 3.30 -12.29
CA LEU B 325 10.62 2.53 -13.51
C LEU B 325 10.97 3.45 -14.69
N GLY B 326 10.99 4.77 -14.47
CA GLY B 326 11.37 5.66 -15.55
C GLY B 326 10.34 6.52 -16.26
N ALA B 327 9.10 6.51 -15.76
CA ALA B 327 8.05 7.31 -16.38
C ALA B 327 8.33 8.78 -16.11
N LYS B 328 8.08 9.63 -17.10
CA LYS B 328 8.29 11.06 -16.93
C LYS B 328 7.10 11.63 -16.18
N GLY B 329 5.93 11.06 -16.45
CA GLY B 329 4.73 11.53 -15.77
C GLY B 329 3.68 10.46 -15.76
N VAL B 330 2.74 10.55 -14.82
CA VAL B 330 1.68 9.56 -14.69
C VAL B 330 0.30 10.22 -14.80
N GLY B 331 -0.51 9.73 -15.73
CA GLY B 331 -1.83 10.30 -15.93
C GLY B 331 -2.97 9.53 -15.26
N LEU B 332 -4.03 10.28 -14.94
CA LEU B 332 -5.20 9.69 -14.33
C LEU B 332 -6.43 10.20 -15.08
N GLY B 333 -7.34 9.28 -15.37
CA GLY B 333 -8.56 9.66 -16.04
C GLY B 333 -9.76 9.71 -15.10
N ARG B 334 -10.40 8.56 -14.94
CA ARG B 334 -11.59 8.44 -14.13
C ARG B 334 -11.58 9.10 -12.76
N PRO B 335 -10.52 8.91 -11.97
CA PRO B 335 -10.57 9.57 -10.65
C PRO B 335 -10.93 11.05 -10.73
N PHE B 336 -10.28 11.78 -11.62
CA PHE B 336 -10.58 13.19 -11.71
C PHE B 336 -11.99 13.41 -12.25
N LEU B 337 -12.40 12.60 -13.21
CA LEU B 337 -13.77 12.68 -13.74
C LEU B 337 -14.80 12.59 -12.63
N TYR B 338 -14.61 11.62 -11.72
CA TYR B 338 -15.54 11.43 -10.61
C TYR B 338 -15.54 12.60 -9.63
N ALA B 339 -14.37 13.13 -9.32
CA ALA B 339 -14.26 14.26 -8.43
C ALA B 339 -14.98 15.47 -9.03
N ASN B 340 -14.74 15.71 -10.32
CA ASN B 340 -15.35 16.82 -11.01
C ASN B 340 -16.87 16.69 -11.04
N SER B 341 -17.34 15.47 -11.23
CA SER B 341 -18.79 15.22 -11.30
C SER B 341 -19.51 15.44 -9.98
N CYS B 342 -18.89 15.04 -8.88
CA CYS B 342 -19.53 15.15 -7.58
C CYS B 342 -19.25 16.43 -6.86
N TYR B 343 -18.06 16.96 -7.03
CA TYR B 343 -17.74 18.18 -6.31
C TYR B 343 -17.26 19.32 -7.19
N GLY B 344 -17.30 19.13 -8.50
CA GLY B 344 -16.87 20.19 -9.39
C GLY B 344 -15.41 20.57 -9.22
N ARG B 345 -15.10 21.81 -9.60
CA ARG B 345 -13.74 22.32 -9.54
C ARG B 345 -13.07 22.08 -8.20
N ASN B 346 -13.79 22.26 -7.10
CA ASN B 346 -13.18 22.04 -5.79
C ASN B 346 -12.83 20.56 -5.59
N GLY B 347 -13.66 19.67 -6.15
CA GLY B 347 -13.40 18.26 -6.05
C GLY B 347 -12.09 17.92 -6.74
N VAL B 348 -11.92 18.47 -7.96
CA VAL B 348 -10.70 18.26 -8.72
C VAL B 348 -9.54 18.76 -7.88
N GLU B 349 -9.68 19.94 -7.28
CA GLU B 349 -8.59 20.45 -6.47
C GLU B 349 -8.31 19.51 -5.30
N LYS B 350 -9.37 18.98 -4.68
CA LYS B 350 -9.23 18.06 -3.57
C LYS B 350 -8.47 16.80 -4.00
N ALA B 351 -8.88 16.22 -5.13
CA ALA B 351 -8.26 15.01 -5.66
C ALA B 351 -6.77 15.28 -5.81
N ILE B 352 -6.47 16.43 -6.41
CA ILE B 352 -5.10 16.84 -6.61
C ILE B 352 -4.36 16.86 -5.27
N GLU B 353 -4.99 17.41 -4.23
CA GLU B 353 -4.32 17.48 -2.95
C GLU B 353 -4.07 16.11 -2.35
N ILE B 354 -5.05 15.22 -2.51
CA ILE B 354 -4.95 13.86 -1.98
C ILE B 354 -3.79 13.11 -2.62
N LEU B 355 -3.71 13.19 -3.94
CA LEU B 355 -2.67 12.46 -4.63
C LEU B 355 -1.33 13.07 -4.29
N ARG B 356 -1.28 14.40 -4.23
CA ARG B 356 -0.04 15.10 -3.91
C ARG B 356 0.50 14.60 -2.58
N ASP B 357 -0.35 14.58 -1.56
CA ASP B 357 0.11 14.13 -0.24
C ASP B 357 0.49 12.67 -0.18
N GLU B 358 -0.25 11.82 -0.88
CA GLU B 358 0.07 10.41 -0.86
C GLU B 358 1.49 10.21 -1.41
N ILE B 359 1.83 10.96 -2.45
CA ILE B 359 3.15 10.85 -3.07
C ILE B 359 4.25 11.34 -2.15
N GLU B 360 4.07 12.50 -1.52
CA GLU B 360 5.08 13.05 -0.61
C GLU B 360 5.27 12.21 0.61
N MET B 361 4.15 11.78 1.17
CA MET B 361 4.21 10.98 2.37
C MET B 361 4.91 9.66 2.15
N SER B 362 4.67 9.02 1.02
CA SER B 362 5.31 7.73 0.77
C SER B 362 6.73 7.87 0.22
N MET B 363 7.03 9.03 -0.34
CA MET B 363 8.37 9.28 -0.85
C MET B 363 9.27 9.35 0.41
N ARG B 364 8.77 9.95 1.49
CA ARG B 364 9.55 10.04 2.71
C ARG B 364 9.84 8.65 3.28
N LEU B 365 8.83 7.80 3.34
CA LEU B 365 8.99 6.46 3.87
C LEU B 365 9.83 5.59 2.93
N LEU B 366 9.91 6.01 1.66
CA LEU B 366 10.71 5.32 0.67
C LEU B 366 12.16 5.70 0.90
N GLY B 367 12.37 6.84 1.53
CA GLY B 367 13.71 7.29 1.83
C GLY B 367 14.42 8.11 0.76
N VAL B 368 13.66 8.81 -0.08
CA VAL B 368 14.27 9.66 -1.09
C VAL B 368 13.66 11.05 -0.97
N THR B 369 14.30 12.05 -1.58
CA THR B 369 13.83 13.43 -1.42
C THR B 369 13.46 14.18 -2.67
N SER B 370 13.58 13.54 -3.83
CA SER B 370 13.22 14.19 -5.08
C SER B 370 12.86 13.17 -6.15
N ILE B 371 12.11 13.60 -7.15
CA ILE B 371 11.68 12.75 -8.25
C ILE B 371 12.88 12.07 -8.93
N ALA B 372 13.99 12.80 -9.02
CA ALA B 372 15.19 12.26 -9.67
C ALA B 372 15.75 11.05 -8.95
N GLU B 373 15.57 11.00 -7.64
CA GLU B 373 16.06 9.88 -6.85
C GLU B 373 15.18 8.63 -6.95
N LEU B 374 14.01 8.73 -7.57
CA LEU B 374 13.14 7.58 -7.70
C LEU B 374 13.70 6.70 -8.81
N LYS B 375 14.42 5.65 -8.42
CA LYS B 375 15.02 4.75 -9.40
C LYS B 375 14.60 3.31 -9.20
N PRO B 376 14.95 2.42 -10.14
CA PRO B 376 14.49 1.07 -9.89
C PRO B 376 15.09 0.31 -8.73
N ASP B 377 16.20 0.83 -8.21
N ASP B 377 16.23 0.72 -8.21
CA ASP B 377 16.89 0.23 -7.06
CA ASP B 377 16.76 -0.06 -7.08
C ASP B 377 15.98 0.27 -5.83
C ASP B 377 15.83 0.07 -5.87
N LEU B 378 14.89 1.01 -5.94
CA LEU B 378 13.94 1.17 -4.85
C LEU B 378 12.79 0.18 -4.94
N LEU B 379 12.68 -0.49 -6.08
CA LEU B 379 11.60 -1.43 -6.26
C LEU B 379 12.04 -2.87 -6.21
N ASP B 380 11.13 -3.75 -5.77
CA ASP B 380 11.38 -5.19 -5.81
C ASP B 380 10.59 -5.61 -7.05
N LEU B 381 11.29 -5.98 -8.12
CA LEU B 381 10.60 -6.34 -9.35
C LEU B 381 10.59 -7.84 -9.58
N SER B 382 11.09 -8.60 -8.62
CA SER B 382 11.16 -10.05 -8.77
C SER B 382 9.86 -10.79 -9.07
N THR B 383 8.72 -10.20 -8.75
CA THR B 383 7.48 -10.92 -9.04
C THR B 383 6.59 -10.13 -9.99
N LEU B 384 7.20 -9.27 -10.77
CA LEU B 384 6.45 -8.48 -11.72
C LEU B 384 5.68 -9.37 -12.69
N LYS B 385 6.22 -10.54 -12.97
CA LYS B 385 5.61 -11.44 -13.92
C LYS B 385 4.61 -12.44 -13.38
N ALA B 386 4.29 -12.36 -12.09
CA ALA B 386 3.34 -13.28 -11.51
C ALA B 386 1.88 -12.87 -11.73
N ARG B 387 1.50 -12.86 -13.01
CA ARG B 387 0.15 -12.54 -13.43
C ARG B 387 -0.44 -13.93 -13.65
N THR B 388 -1.29 -14.34 -12.73
CA THR B 388 -1.81 -15.70 -12.80
C THR B 388 -3.30 -15.93 -13.10
N VAL B 389 -3.62 -17.17 -13.44
CA VAL B 389 -5.00 -17.61 -13.65
C VAL B 389 -5.10 -18.97 -12.92
N GLY B 390 -5.84 -18.98 -11.83
CA GLY B 390 -5.95 -20.20 -11.06
C GLY B 390 -6.73 -21.33 -11.70
N VAL B 391 -6.41 -22.56 -11.30
CA VAL B 391 -7.12 -23.75 -11.77
C VAL B 391 -8.54 -23.56 -11.20
N PRO B 392 -9.57 -23.93 -11.96
CA PRO B 392 -10.89 -23.72 -11.41
C PRO B 392 -11.16 -24.34 -10.05
N ASN B 393 -12.02 -23.69 -9.28
CA ASN B 393 -12.39 -24.16 -7.96
C ASN B 393 -13.06 -25.51 -7.92
N ASP B 394 -12.61 -26.35 -6.98
CA ASP B 394 -13.20 -27.67 -6.80
C ASP B 394 -14.44 -27.34 -5.94
N VAL B 395 -15.58 -27.10 -6.57
CA VAL B 395 -16.74 -26.69 -5.82
C VAL B 395 -17.27 -27.67 -4.81
N LEU B 396 -17.39 -28.94 -5.17
CA LEU B 396 -17.88 -29.90 -4.18
C LEU B 396 -16.96 -30.00 -2.97
N TYR B 397 -15.66 -30.14 -3.21
CA TYR B 397 -14.72 -30.21 -2.10
C TYR B 397 -14.84 -28.99 -1.16
N ASN B 398 -14.86 -27.78 -1.73
CA ASN B 398 -14.95 -26.55 -0.94
C ASN B 398 -16.33 -26.30 -0.32
N GLU B 399 -17.38 -26.70 -1.04
CA GLU B 399 -18.70 -26.51 -0.50
C GLU B 399 -18.88 -27.35 0.77
N VAL B 400 -18.52 -28.64 0.68
CA VAL B 400 -18.67 -29.53 1.81
C VAL B 400 -17.76 -29.25 2.99
N TYR B 401 -16.58 -28.72 2.71
CA TYR B 401 -15.61 -28.37 3.77
C TYR B 401 -16.17 -27.32 4.70
N GLU B 402 -15.86 -27.45 5.98
CA GLU B 402 -16.27 -26.52 7.02
C GLU B 402 -15.01 -25.98 7.69
N GLY B 403 -14.73 -24.69 7.48
CA GLY B 403 -13.55 -24.09 8.06
C GLY B 403 -13.63 -23.81 9.55
N PRO B 404 -12.47 -23.48 10.16
CA PRO B 404 -12.38 -23.19 11.60
C PRO B 404 -13.30 -22.00 11.96
N THR B 405 -13.74 -21.95 13.22
CA THR B 405 -14.58 -20.84 13.66
C THR B 405 -13.93 -20.14 14.84
N LEU B 406 -14.30 -18.89 15.04
CA LEU B 406 -13.75 -18.11 16.14
C LEU B 406 -14.55 -18.43 17.39
N THR B 407 -13.93 -18.24 18.55
CA THR B 407 -14.60 -18.48 19.80
C THR B 407 -15.81 -17.54 19.86
N GLU B 408 -16.77 -17.83 20.73
CA GLU B 408 -17.95 -16.98 20.80
C GLU B 408 -18.19 -16.42 22.19
N PHE B 409 -18.97 -15.33 22.24
CA PHE B 409 -19.31 -14.72 23.52
C PHE B 409 -20.24 -15.68 24.26
N GLU B 410 -20.29 -15.57 25.59
CA GLU B 410 -21.17 -16.44 26.37
C GLU B 410 -22.60 -16.17 25.95
N ASP B 411 -23.49 -17.13 26.16
CA ASP B 411 -24.90 -16.94 25.82
C ASP B 411 -25.51 -15.93 26.78
N ALA B 412 -26.01 -14.83 26.21
CA ALA B 412 -26.62 -13.77 26.97
C ALA B 412 -27.52 -14.35 28.08
#